data_1S5U
#
_entry.id   1S5U
#
_cell.length_a   57.108
_cell.length_b   70.187
_cell.length_c   71.525
_cell.angle_alpha   103.47
_cell.angle_beta   95.15
_cell.angle_gamma   97.58
#
_symmetry.space_group_name_H-M   'P 1'
#
loop_
_entity.id
_entity.type
_entity.pdbx_description
1 polymer 'Protein ybgC'
2 non-polymer 'SULFATE ION'
3 non-polymer 1,2-ETHANEDIOL
4 water water
#
_entity_poly.entity_id   1
_entity_poly.type   'polypeptide(L)'
_entity_poly.pdbx_seq_one_letter_code
;GHMNTTLFRWPVRVYYEDTDAGGVVYHASYVAFYERARTEMLRHHHFSQQALMAERVAFVVRKMTVEYYAPARLDDMLEI
QTEITSMRGTSLVFTQRIVNAENTLLNEAEVLVVCVDPLKMKPRALPKSIVAEFKQGS
;
_entity_poly.pdbx_strand_id   A,B,C,D,E,F,G,H
#
loop_
_chem_comp.id
_chem_comp.type
_chem_comp.name
_chem_comp.formula
EDO non-polymer 1,2-ETHANEDIOL 'C2 H6 O2'
SO4 non-polymer 'SULFATE ION' 'O4 S -2'
#
# COMPACT_ATOMS: atom_id res chain seq x y z
N THR A 6 44.47 -30.43 -4.13
CA THR A 6 43.55 -31.56 -4.47
C THR A 6 42.14 -31.01 -4.74
N LEU A 7 41.51 -31.48 -5.82
CA LEU A 7 40.17 -31.02 -6.16
C LEU A 7 39.11 -32.10 -5.89
N PHE A 8 38.18 -31.79 -4.99
CA PHE A 8 37.11 -32.71 -4.63
C PHE A 8 35.88 -32.40 -5.47
N ARG A 9 35.26 -33.43 -6.01
CA ARG A 9 34.07 -33.25 -6.85
C ARG A 9 32.86 -33.95 -6.23
N TRP A 10 31.70 -33.30 -6.32
CA TRP A 10 30.48 -33.87 -5.76
C TRP A 10 29.28 -33.59 -6.66
N PRO A 11 28.59 -34.64 -7.12
CA PRO A 11 27.43 -34.46 -7.99
C PRO A 11 26.16 -34.07 -7.22
N VAL A 12 25.33 -33.25 -7.84
CA VAL A 12 24.07 -32.81 -7.24
C VAL A 12 23.00 -32.68 -8.32
N ARG A 13 21.90 -33.40 -8.15
CA ARG A 13 20.78 -33.34 -9.09
C ARG A 13 19.82 -32.25 -8.59
N VAL A 14 19.30 -31.45 -9.51
CA VAL A 14 18.37 -30.37 -9.17
C VAL A 14 16.93 -30.88 -9.17
N TYR A 15 16.24 -30.70 -8.06
CA TYR A 15 14.84 -31.12 -7.91
C TYR A 15 13.95 -29.90 -7.77
N TYR A 16 12.64 -30.10 -7.83
CA TYR A 16 11.70 -28.98 -7.70
C TYR A 16 11.97 -28.13 -6.45
N GLU A 17 12.32 -28.79 -5.36
CA GLU A 17 12.60 -28.10 -4.09
C GLU A 17 13.71 -27.05 -4.20
N ASP A 18 14.60 -27.23 -5.17
CA ASP A 18 15.74 -26.32 -5.37
C ASP A 18 15.47 -25.15 -6.31
N THR A 19 14.37 -25.23 -7.05
CA THR A 19 13.99 -24.20 -8.02
C THR A 19 12.99 -23.20 -7.47
N ASP A 20 12.82 -22.08 -8.17
CA ASP A 20 11.84 -21.07 -7.79
C ASP A 20 10.96 -20.69 -8.98
N ALA A 21 9.98 -19.84 -8.74
CA ALA A 21 9.05 -19.41 -9.77
C ALA A 21 9.70 -18.82 -11.02
N GLY A 22 10.95 -18.40 -10.91
CA GLY A 22 11.66 -17.84 -12.04
C GLY A 22 12.04 -18.92 -13.05
N GLY A 23 11.93 -20.17 -12.62
CA GLY A 23 12.25 -21.29 -13.49
C GLY A 23 13.68 -21.79 -13.40
N VAL A 24 14.42 -21.30 -12.41
CA VAL A 24 15.81 -21.69 -12.22
C VAL A 24 16.09 -22.01 -10.75
N VAL A 25 17.31 -22.44 -10.43
CA VAL A 25 17.65 -22.76 -9.05
C VAL A 25 17.68 -21.48 -8.22
N TYR A 26 17.08 -21.53 -7.03
CA TYR A 26 17.01 -20.39 -6.11
C TYR A 26 18.43 -20.10 -5.62
N HIS A 27 18.84 -18.83 -5.60
CA HIS A 27 20.22 -18.54 -5.21
C HIS A 27 20.67 -19.09 -3.86
N ALA A 28 19.75 -19.20 -2.90
CA ALA A 28 20.13 -19.73 -1.58
C ALA A 28 20.32 -21.25 -1.63
N SER A 29 19.76 -21.90 -2.65
CA SER A 29 19.91 -23.35 -2.77
C SER A 29 21.34 -23.72 -3.11
N TYR A 30 22.00 -22.88 -3.90
CA TYR A 30 23.39 -23.14 -4.26
C TYR A 30 24.23 -23.10 -2.99
N VAL A 31 23.88 -22.19 -2.08
CA VAL A 31 24.61 -22.08 -0.83
C VAL A 31 24.55 -23.43 -0.09
N ALA A 32 23.38 -24.04 -0.09
CA ALA A 32 23.24 -25.34 0.55
C ALA A 32 24.07 -26.39 -0.18
N PHE A 33 24.08 -26.34 -1.52
CA PHE A 33 24.86 -27.31 -2.29
C PHE A 33 26.33 -27.19 -1.91
N TYR A 34 26.81 -25.96 -1.73
CA TYR A 34 28.21 -25.75 -1.35
C TYR A 34 28.50 -26.38 0.01
N GLU A 35 27.55 -26.29 0.92
CA GLU A 35 27.72 -26.87 2.24
C GLU A 35 27.79 -28.39 2.12
N ARG A 36 26.90 -28.98 1.32
CA ARG A 36 26.92 -30.43 1.14
C ARG A 36 28.29 -30.88 0.64
N ALA A 37 28.85 -30.13 -0.30
CA ALA A 37 30.15 -30.47 -0.87
C ALA A 37 31.28 -30.43 0.15
N ARG A 38 31.29 -29.43 1.03
CA ARG A 38 32.32 -29.35 2.05
C ARG A 38 32.15 -30.52 3.00
N THR A 39 30.90 -30.88 3.29
CA THR A 39 30.62 -32.00 4.17
C THR A 39 31.11 -33.31 3.55
N GLU A 40 30.90 -33.49 2.24
CA GLU A 40 31.34 -34.71 1.58
C GLU A 40 32.86 -34.77 1.49
N MET A 41 33.51 -33.62 1.40
CA MET A 41 34.97 -33.60 1.35
C MET A 41 35.47 -34.15 2.68
N LEU A 42 34.86 -33.69 3.77
CA LEU A 42 35.22 -34.17 5.09
C LEU A 42 34.97 -35.68 5.22
N ARG A 43 33.83 -36.14 4.74
CA ARG A 43 33.49 -37.56 4.82
C ARG A 43 34.51 -38.40 4.05
N HIS A 44 35.01 -37.83 2.96
CA HIS A 44 35.99 -38.52 2.12
C HIS A 44 37.24 -38.83 2.95
N HIS A 45 37.48 -37.99 3.96
CA HIS A 45 38.63 -38.16 4.85
C HIS A 45 38.24 -38.87 6.14
N HIS A 46 37.09 -39.53 6.12
CA HIS A 46 36.59 -40.30 7.26
C HIS A 46 36.15 -39.48 8.47
N PHE A 47 35.72 -38.24 8.23
CA PHE A 47 35.26 -37.38 9.32
C PHE A 47 33.75 -37.18 9.25
N SER A 48 33.08 -37.35 10.39
CA SER A 48 31.63 -37.18 10.50
C SER A 48 31.33 -36.02 11.44
N GLN A 49 30.59 -35.03 10.94
CA GLN A 49 30.25 -33.86 11.74
C GLN A 49 29.29 -34.19 12.89
N GLN A 50 28.52 -35.26 12.74
CA GLN A 50 27.59 -35.67 13.79
C GLN A 50 28.47 -36.19 14.93
N ALA A 51 29.48 -36.98 14.57
CA ALA A 51 30.41 -37.55 15.55
C ALA A 51 31.23 -36.43 16.20
N LEU A 52 31.70 -35.51 15.38
CA LEU A 52 32.50 -34.39 15.87
C LEU A 52 31.76 -33.51 16.87
N MET A 53 30.48 -33.22 16.61
CA MET A 53 29.72 -32.38 17.53
C MET A 53 29.78 -32.98 18.95
N ALA A 54 29.75 -34.31 19.02
CA ALA A 54 29.82 -34.99 20.30
C ALA A 54 31.15 -34.75 21.01
N GLU A 55 32.17 -34.42 20.23
CA GLU A 55 33.49 -34.13 20.78
C GLU A 55 33.67 -32.63 20.91
N ARG A 56 32.56 -31.91 20.73
CA ARG A 56 32.55 -30.45 20.80
C ARG A 56 33.41 -29.79 19.73
N VAL A 57 33.31 -30.33 18.52
CA VAL A 57 34.03 -29.80 17.37
C VAL A 57 33.02 -29.60 16.24
N ALA A 58 32.90 -28.36 15.77
CA ALA A 58 31.98 -28.05 14.68
C ALA A 58 32.57 -26.96 13.79
N PHE A 59 31.97 -26.77 12.62
CA PHE A 59 32.45 -25.77 11.67
C PHE A 59 31.35 -24.80 11.30
N VAL A 60 31.66 -23.52 11.34
CA VAL A 60 30.65 -22.51 11.00
C VAL A 60 31.20 -21.55 9.96
N VAL A 61 30.32 -21.06 9.10
CA VAL A 61 30.71 -20.12 8.06
C VAL A 61 30.88 -18.74 8.69
N ARG A 62 32.05 -18.16 8.54
CA ARG A 62 32.35 -16.84 9.08
C ARG A 62 32.15 -15.75 8.02
N LYS A 63 32.51 -16.06 6.79
CA LYS A 63 32.34 -15.12 5.68
C LYS A 63 32.20 -15.93 4.39
N MET A 64 31.33 -15.48 3.51
CA MET A 64 31.09 -16.18 2.25
C MET A 64 30.73 -15.20 1.15
N THR A 65 31.41 -15.33 0.01
CA THR A 65 31.12 -14.47 -1.14
C THR A 65 30.78 -15.42 -2.29
N VAL A 66 29.66 -15.17 -2.95
CA VAL A 66 29.26 -16.00 -4.07
C VAL A 66 28.97 -15.10 -5.27
N GLU A 67 29.51 -15.47 -6.44
CA GLU A 67 29.26 -14.70 -7.64
C GLU A 67 28.52 -15.62 -8.59
N TYR A 68 27.39 -15.14 -9.12
CA TYR A 68 26.54 -15.94 -10.01
C TYR A 68 26.71 -15.52 -11.47
N TYR A 69 26.88 -16.51 -12.34
CA TYR A 69 27.09 -16.25 -13.78
C TYR A 69 26.01 -16.82 -14.70
N ALA A 70 25.59 -18.04 -14.42
CA ALA A 70 24.59 -18.72 -15.25
C ALA A 70 23.69 -19.58 -14.36
N PRO A 71 22.44 -19.79 -14.79
CA PRO A 71 21.51 -20.59 -14.00
C PRO A 71 21.52 -22.10 -14.22
N ALA A 72 21.00 -22.81 -13.23
CA ALA A 72 20.86 -24.27 -13.29
C ALA A 72 19.34 -24.43 -13.36
N ARG A 73 18.87 -25.51 -13.98
CA ARG A 73 17.43 -25.71 -14.09
C ARG A 73 17.00 -27.07 -13.57
N LEU A 74 15.69 -27.25 -13.47
CA LEU A 74 15.12 -28.50 -12.99
C LEU A 74 15.71 -29.68 -13.74
N ASP A 75 16.16 -30.68 -12.97
CA ASP A 75 16.75 -31.91 -13.49
C ASP A 75 18.19 -31.87 -13.97
N ASP A 76 18.82 -30.70 -13.94
CA ASP A 76 20.22 -30.62 -14.34
C ASP A 76 21.06 -31.42 -13.33
N MET A 77 22.12 -32.07 -13.79
CA MET A 77 23.00 -32.78 -12.87
C MET A 77 24.19 -31.85 -12.77
N LEU A 78 24.45 -31.34 -11.58
CA LEU A 78 25.55 -30.40 -11.36
C LEU A 78 26.74 -31.05 -10.70
N GLU A 79 27.86 -30.34 -10.71
CA GLU A 79 29.06 -30.81 -10.05
C GLU A 79 29.56 -29.67 -9.19
N ILE A 80 29.75 -29.94 -7.91
CA ILE A 80 30.27 -28.93 -7.00
C ILE A 80 31.74 -29.26 -6.86
N GLN A 81 32.62 -28.29 -7.09
CA GLN A 81 34.05 -28.50 -6.98
C GLN A 81 34.55 -27.78 -5.74
N THR A 82 35.34 -28.47 -4.93
CA THR A 82 35.84 -27.90 -3.68
C THR A 82 37.33 -28.09 -3.47
N GLU A 83 37.99 -27.04 -2.99
CA GLU A 83 39.42 -27.04 -2.73
C GLU A 83 39.71 -26.19 -1.49
N ILE A 84 40.59 -26.67 -0.61
CA ILE A 84 40.95 -25.89 0.57
C ILE A 84 42.19 -25.11 0.14
N THR A 85 42.05 -23.79 0.07
CA THR A 85 43.15 -22.93 -0.35
C THR A 85 43.98 -22.34 0.78
N SER A 86 43.43 -22.35 1.99
CA SER A 86 44.14 -21.80 3.15
C SER A 86 43.75 -22.49 4.43
N MET A 87 44.72 -22.73 5.30
CA MET A 87 44.49 -23.37 6.59
C MET A 87 45.27 -22.62 7.67
N ARG A 88 44.54 -22.12 8.66
CA ARG A 88 45.16 -21.39 9.75
C ARG A 88 44.83 -22.06 11.07
N GLY A 89 45.23 -21.43 12.17
CA GLY A 89 44.98 -21.98 13.49
C GLY A 89 43.60 -22.57 13.69
N THR A 90 42.58 -21.70 13.68
CA THR A 90 41.21 -22.14 13.91
C THR A 90 40.32 -22.09 12.67
N SER A 91 40.88 -21.75 11.52
CA SER A 91 40.06 -21.66 10.34
C SER A 91 40.71 -22.11 9.05
N LEU A 92 39.89 -22.20 8.00
CA LEU A 92 40.36 -22.58 6.69
C LEU A 92 39.48 -21.91 5.64
N VAL A 93 40.06 -21.71 4.46
CA VAL A 93 39.35 -21.07 3.37
C VAL A 93 39.10 -22.05 2.24
N PHE A 94 37.83 -22.18 1.87
CA PHE A 94 37.43 -23.07 0.79
C PHE A 94 37.19 -22.24 -0.46
N THR A 95 37.58 -22.79 -1.60
CA THR A 95 37.34 -22.16 -2.88
C THR A 95 36.47 -23.19 -3.59
N GLN A 96 35.26 -22.80 -3.95
CA GLN A 96 34.33 -23.73 -4.57
C GLN A 96 33.67 -23.14 -5.81
N ARG A 97 33.14 -24.02 -6.66
CA ARG A 97 32.46 -23.59 -7.85
C ARG A 97 31.42 -24.63 -8.25
N ILE A 98 30.41 -24.19 -8.97
CA ILE A 98 29.35 -25.10 -9.40
C ILE A 98 29.28 -25.03 -10.93
N VAL A 99 29.35 -26.19 -11.57
CA VAL A 99 29.29 -26.26 -13.02
C VAL A 99 28.23 -27.28 -13.44
N ASN A 100 27.74 -27.18 -14.68
CA ASN A 100 26.76 -28.14 -15.15
C ASN A 100 27.41 -29.23 -16.01
N ALA A 101 26.58 -30.02 -16.68
CA ALA A 101 27.06 -31.14 -17.50
C ALA A 101 28.00 -30.78 -18.66
N GLU A 102 28.06 -29.51 -19.02
CA GLU A 102 28.95 -29.08 -20.11
C GLU A 102 30.13 -28.29 -19.56
N ASN A 103 30.22 -28.23 -18.24
CA ASN A 103 31.25 -27.51 -17.50
C ASN A 103 31.09 -26.00 -17.57
N THR A 104 29.86 -25.53 -17.81
CA THR A 104 29.60 -24.10 -17.83
C THR A 104 29.66 -23.68 -16.36
N LEU A 105 30.37 -22.59 -16.08
CA LEU A 105 30.49 -22.11 -14.70
C LEU A 105 29.22 -21.39 -14.31
N LEU A 106 28.45 -21.98 -13.39
CA LEU A 106 27.20 -21.37 -12.94
C LEU A 106 27.47 -20.30 -11.89
N ASN A 107 28.34 -20.62 -10.94
CA ASN A 107 28.73 -19.69 -9.90
C ASN A 107 29.95 -20.19 -9.14
N GLU A 108 30.57 -19.30 -8.36
CA GLU A 108 31.75 -19.68 -7.59
C GLU A 108 31.70 -18.99 -6.24
N ALA A 109 32.39 -19.56 -5.28
CA ALA A 109 32.38 -19.00 -3.94
C ALA A 109 33.69 -19.15 -3.20
N GLU A 110 33.91 -18.26 -2.24
CA GLU A 110 35.08 -18.31 -1.38
C GLU A 110 34.43 -18.35 -0.01
N VAL A 111 34.76 -19.39 0.76
CA VAL A 111 34.14 -19.56 2.06
C VAL A 111 35.14 -19.65 3.20
N LEU A 112 35.01 -18.73 4.16
CA LEU A 112 35.89 -18.75 5.34
C LEU A 112 35.14 -19.54 6.41
N VAL A 113 35.71 -20.67 6.80
CA VAL A 113 35.12 -21.54 7.81
C VAL A 113 35.96 -21.59 9.08
N VAL A 114 35.29 -21.41 10.22
CA VAL A 114 35.98 -21.43 11.49
C VAL A 114 35.59 -22.64 12.33
N CYS A 115 36.57 -23.27 12.96
CA CYS A 115 36.31 -24.42 13.81
C CYS A 115 35.89 -23.87 15.17
N VAL A 116 34.84 -24.43 15.74
CA VAL A 116 34.36 -23.94 17.02
C VAL A 116 33.88 -25.03 17.96
N ASP A 117 33.75 -24.65 19.22
CA ASP A 117 33.21 -25.53 20.25
C ASP A 117 31.74 -25.17 20.16
N PRO A 118 30.90 -26.11 19.67
CA PRO A 118 29.46 -25.91 19.50
C PRO A 118 28.67 -25.43 20.71
N LEU A 119 29.05 -25.87 21.90
CA LEU A 119 28.33 -25.48 23.11
C LEU A 119 28.49 -24.01 23.48
N LYS A 120 29.66 -23.45 23.21
CA LYS A 120 29.91 -22.05 23.52
C LYS A 120 30.01 -21.22 22.24
N MET A 121 30.01 -21.91 21.10
CA MET A 121 30.12 -21.24 19.81
C MET A 121 31.36 -20.34 19.82
N LYS A 122 32.44 -20.82 20.42
CA LYS A 122 33.68 -20.06 20.48
C LYS A 122 34.75 -20.82 19.69
N PRO A 123 35.56 -20.09 18.91
CA PRO A 123 36.61 -20.70 18.10
C PRO A 123 37.58 -21.59 18.87
N ARG A 124 38.06 -22.63 18.21
CA ARG A 124 39.03 -23.54 18.80
C ARG A 124 39.96 -24.00 17.69
N ALA A 125 41.18 -24.39 18.07
CA ALA A 125 42.15 -24.85 17.09
C ALA A 125 41.63 -26.06 16.34
N LEU A 126 41.92 -26.10 15.05
CA LEU A 126 41.50 -27.23 14.22
C LEU A 126 42.09 -28.51 14.80
N PRO A 127 41.31 -29.58 14.88
CA PRO A 127 41.86 -30.83 15.41
C PRO A 127 43.07 -31.25 14.59
N LYS A 128 44.07 -31.83 15.25
CA LYS A 128 45.27 -32.25 14.53
C LYS A 128 44.96 -33.38 13.56
N SER A 129 44.06 -34.28 13.96
CA SER A 129 43.67 -35.40 13.11
C SER A 129 43.12 -34.91 11.78
N ILE A 130 42.45 -33.77 11.82
CA ILE A 130 41.87 -33.19 10.61
C ILE A 130 42.93 -32.48 9.78
N VAL A 131 43.83 -31.78 10.46
CA VAL A 131 44.92 -31.07 9.79
C VAL A 131 45.83 -32.10 9.10
N ALA A 132 46.07 -33.21 9.79
CA ALA A 132 46.91 -34.28 9.27
C ALA A 132 46.38 -34.83 7.95
N GLU A 133 45.06 -35.00 7.87
CA GLU A 133 44.45 -35.53 6.66
C GLU A 133 44.41 -34.47 5.56
N PHE A 134 44.07 -33.24 5.94
CA PHE A 134 44.01 -32.14 4.99
C PHE A 134 45.40 -31.57 4.71
N LEU B 7 16.31 3.87 5.20
CA LEU B 7 16.49 2.50 5.77
C LEU B 7 15.13 1.82 5.99
N PHE B 8 14.98 0.62 5.45
CA PHE B 8 13.76 -0.13 5.61
C PHE B 8 13.99 -1.26 6.60
N ARG B 9 13.06 -1.45 7.53
CA ARG B 9 13.20 -2.49 8.54
C ARG B 9 12.15 -3.58 8.31
N TRP B 10 12.58 -4.83 8.40
CA TRP B 10 11.67 -5.97 8.23
C TRP B 10 11.87 -7.00 9.34
N PRO B 11 10.81 -7.31 10.09
CA PRO B 11 10.92 -8.29 11.18
C PRO B 11 10.81 -9.73 10.66
N VAL B 12 11.51 -10.64 11.30
CA VAL B 12 11.49 -12.06 10.93
C VAL B 12 11.60 -12.96 12.16
N ARG B 13 10.64 -13.86 12.32
CA ARG B 13 10.67 -14.80 13.45
C ARG B 13 11.37 -16.07 12.98
N VAL B 14 12.21 -16.63 13.84
CA VAL B 14 12.95 -17.85 13.51
C VAL B 14 12.14 -19.08 13.92
N TYR B 15 11.90 -19.97 12.95
CA TYR B 15 11.14 -21.19 13.20
C TYR B 15 12.04 -22.41 13.05
N TYR B 16 11.53 -23.58 13.42
CA TYR B 16 12.33 -24.79 13.31
C TYR B 16 12.93 -25.00 11.93
N GLU B 17 12.15 -24.67 10.91
CA GLU B 17 12.60 -24.81 9.51
C GLU B 17 13.87 -24.02 9.20
N ASP B 18 14.12 -22.97 9.97
CA ASP B 18 15.28 -22.11 9.75
C ASP B 18 16.54 -22.55 10.50
N THR B 19 16.36 -23.42 11.50
CA THR B 19 17.46 -23.88 12.32
C THR B 19 18.06 -25.20 11.83
N ASP B 20 19.22 -25.57 12.36
CA ASP B 20 19.83 -26.86 12.03
C ASP B 20 20.25 -27.55 13.32
N ALA B 21 20.76 -28.78 13.19
CA ALA B 21 21.16 -29.58 14.35
C ALA B 21 22.17 -28.90 15.29
N GLY B 22 22.81 -27.84 14.81
CA GLY B 22 23.77 -27.13 15.64
C GLY B 22 23.07 -26.26 16.68
N GLY B 23 21.74 -26.18 16.57
CA GLY B 23 20.97 -25.39 17.50
C GLY B 23 20.92 -23.91 17.19
N VAL B 24 21.31 -23.55 15.97
CA VAL B 24 21.32 -22.15 15.56
C VAL B 24 20.70 -22.06 14.16
N VAL B 25 20.53 -20.85 13.64
CA VAL B 25 19.97 -20.67 12.30
C VAL B 25 20.99 -21.15 11.27
N TYR B 26 20.53 -21.92 10.28
CA TYR B 26 21.38 -22.44 9.20
C TYR B 26 21.83 -21.23 8.39
N HIS B 27 23.11 -21.15 8.03
CA HIS B 27 23.58 -19.96 7.32
C HIS B 27 22.86 -19.62 6.01
N ALA B 28 22.34 -20.62 5.30
CA ALA B 28 21.63 -20.33 4.07
C ALA B 28 20.26 -19.70 4.37
N SER B 29 19.73 -19.95 5.56
CA SER B 29 18.45 -19.36 5.92
C SER B 29 18.53 -17.84 5.99
N TYR B 30 19.66 -17.31 6.45
CA TYR B 30 19.82 -15.85 6.52
C TYR B 30 19.74 -15.27 5.10
N VAL B 31 20.31 -15.98 4.13
CA VAL B 31 20.30 -15.52 2.74
C VAL B 31 18.84 -15.36 2.29
N ALA B 32 17.99 -16.32 2.66
CA ALA B 32 16.58 -16.23 2.30
C ALA B 32 15.95 -15.02 3.01
N PHE B 33 16.32 -14.81 4.28
CA PHE B 33 15.76 -13.68 5.03
C PHE B 33 16.10 -12.35 4.34
N TYR B 34 17.31 -12.23 3.84
CA TYR B 34 17.73 -11.00 3.16
C TYR B 34 16.88 -10.76 1.93
N GLU B 35 16.57 -11.83 1.21
CA GLU B 35 15.75 -11.72 0.01
C GLU B 35 14.35 -11.24 0.37
N ARG B 36 13.77 -11.78 1.45
CA ARG B 36 12.43 -11.34 1.84
C ARG B 36 12.45 -9.84 2.11
N ALA B 37 13.50 -9.38 2.81
CA ALA B 37 13.63 -7.98 3.15
C ALA B 37 13.69 -7.10 1.91
N ARG B 38 14.45 -7.51 0.90
CA ARG B 38 14.53 -6.74 -0.32
C ARG B 38 13.15 -6.69 -0.98
N THR B 39 12.46 -7.82 -0.99
CA THR B 39 11.14 -7.89 -1.58
C THR B 39 10.19 -6.92 -0.89
N GLU B 40 10.24 -6.90 0.45
CA GLU B 40 9.36 -6.02 1.22
C GLU B 40 9.73 -4.54 1.09
N MET B 41 11.01 -4.25 0.92
CA MET B 41 11.42 -2.85 0.77
C MET B 41 10.82 -2.35 -0.54
N LEU B 42 10.88 -3.18 -1.58
CA LEU B 42 10.33 -2.81 -2.87
C LEU B 42 8.81 -2.63 -2.79
N ARG B 43 8.14 -3.48 -2.03
CA ARG B 43 6.69 -3.36 -1.88
C ARG B 43 6.39 -2.02 -1.22
N HIS B 44 7.17 -1.68 -0.20
CA HIS B 44 6.98 -0.42 0.51
C HIS B 44 7.09 0.78 -0.42
N HIS B 45 7.95 0.67 -1.44
CA HIS B 45 8.13 1.75 -2.39
C HIS B 45 7.23 1.58 -3.61
N HIS B 46 6.07 0.97 -3.38
CA HIS B 46 5.07 0.75 -4.41
C HIS B 46 5.45 -0.24 -5.50
N PHE B 47 6.38 -1.14 -5.18
CA PHE B 47 6.80 -2.13 -6.16
C PHE B 47 6.64 -3.57 -5.70
N SER B 48 5.39 -4.00 -5.60
CA SER B 48 5.08 -5.36 -5.21
C SER B 48 5.45 -6.20 -6.43
N GLN B 49 5.39 -7.52 -6.30
CA GLN B 49 5.74 -8.40 -7.41
C GLN B 49 4.80 -8.15 -8.59
N GLN B 50 3.53 -7.85 -8.29
CA GLN B 50 2.55 -7.57 -9.33
C GLN B 50 2.99 -6.35 -10.12
N ALA B 51 3.32 -5.28 -9.40
CA ALA B 51 3.77 -4.04 -10.01
C ALA B 51 5.05 -4.26 -10.82
N LEU B 52 5.93 -5.12 -10.32
CA LEU B 52 7.18 -5.41 -11.02
C LEU B 52 6.90 -6.17 -12.31
N MET B 53 5.99 -7.13 -12.27
CA MET B 53 5.64 -7.89 -13.47
C MET B 53 5.06 -6.94 -14.51
N ALA B 54 4.24 -6.00 -14.05
CA ALA B 54 3.62 -5.03 -14.95
C ALA B 54 4.70 -4.20 -15.63
N GLU B 55 5.79 -3.94 -14.92
CA GLU B 55 6.90 -3.17 -15.46
C GLU B 55 7.83 -4.06 -16.29
N ARG B 56 7.56 -5.36 -16.27
CA ARG B 56 8.38 -6.33 -17.00
C ARG B 56 9.78 -6.39 -16.41
N VAL B 57 9.85 -6.44 -15.08
CA VAL B 57 11.11 -6.48 -14.37
C VAL B 57 11.18 -7.61 -13.34
N ALA B 58 12.34 -8.24 -13.27
CA ALA B 58 12.64 -9.30 -12.31
C ALA B 58 14.06 -8.99 -11.87
N PHE B 59 14.43 -9.41 -10.66
CA PHE B 59 15.77 -9.16 -10.17
C PHE B 59 16.55 -10.44 -9.91
N VAL B 60 17.83 -10.44 -10.27
CA VAL B 60 18.68 -11.60 -10.08
C VAL B 60 19.96 -11.24 -9.32
N VAL B 61 20.29 -12.04 -8.32
CA VAL B 61 21.50 -11.79 -7.54
C VAL B 61 22.72 -12.10 -8.38
N ARG B 62 23.59 -11.11 -8.54
CA ARG B 62 24.81 -11.25 -9.31
C ARG B 62 26.02 -11.56 -8.42
N LYS B 63 26.06 -10.93 -7.25
CA LYS B 63 27.16 -11.17 -6.33
C LYS B 63 26.67 -10.88 -4.91
N MET B 64 27.09 -11.71 -3.97
CA MET B 64 26.65 -11.53 -2.60
C MET B 64 27.73 -11.91 -1.61
N THR B 65 27.98 -11.03 -0.65
CA THR B 65 28.97 -11.30 0.38
C THR B 65 28.25 -11.15 1.72
N VAL B 66 28.37 -12.17 2.56
CA VAL B 66 27.73 -12.14 3.85
C VAL B 66 28.79 -12.42 4.91
N GLU B 67 28.77 -11.64 5.99
CA GLU B 67 29.71 -11.86 7.08
C GLU B 67 28.86 -12.22 8.29
N TYR B 68 29.22 -13.32 8.94
CA TYR B 68 28.50 -13.85 10.09
C TYR B 68 29.24 -13.59 11.40
N TYR B 69 28.62 -12.84 12.29
CA TYR B 69 29.24 -12.48 13.57
C TYR B 69 28.73 -13.25 14.79
N ALA B 70 27.41 -13.36 14.91
CA ALA B 70 26.80 -14.06 16.03
C ALA B 70 25.57 -14.79 15.52
N PRO B 71 25.21 -15.91 16.17
CA PRO B 71 24.06 -16.69 15.73
C PRO B 71 22.69 -16.25 16.23
N ALA B 72 21.66 -16.68 15.50
CA ALA B 72 20.28 -16.43 15.88
C ALA B 72 19.81 -17.82 16.29
N ARG B 73 18.84 -17.89 17.19
CA ARG B 73 18.35 -19.19 17.64
C ARG B 73 16.84 -19.31 17.50
N LEU B 74 16.34 -20.52 17.70
CA LEU B 74 14.92 -20.78 17.60
C LEU B 74 14.07 -19.76 18.36
N ASP B 75 13.04 -19.25 17.68
CA ASP B 75 12.11 -18.29 18.24
C ASP B 75 12.59 -16.85 18.42
N ASP B 76 13.81 -16.55 18.02
CA ASP B 76 14.30 -15.17 18.11
C ASP B 76 13.52 -14.32 17.12
N MET B 77 13.25 -13.07 17.48
CA MET B 77 12.59 -12.17 16.53
C MET B 77 13.73 -11.28 16.05
N LEU B 78 14.03 -11.36 14.77
CA LEU B 78 15.11 -10.57 14.20
C LEU B 78 14.57 -9.38 13.42
N GLU B 79 15.47 -8.48 13.06
CA GLU B 79 15.10 -7.33 12.26
C GLU B 79 16.11 -7.28 11.12
N ILE B 80 15.62 -7.25 9.90
CA ILE B 80 16.50 -7.17 8.75
C ILE B 80 16.47 -5.69 8.36
N GLN B 81 17.64 -5.09 8.21
CA GLN B 81 17.72 -3.67 7.82
C GLN B 81 18.23 -3.63 6.39
N THR B 82 17.53 -2.89 5.54
CA THR B 82 17.90 -2.83 4.14
C THR B 82 17.93 -1.42 3.59
N GLU B 83 18.91 -1.16 2.73
CA GLU B 83 19.07 0.13 2.09
C GLU B 83 19.73 -0.07 0.74
N ILE B 84 19.35 0.76 -0.23
CA ILE B 84 19.95 0.69 -1.56
C ILE B 84 21.06 1.75 -1.50
N THR B 85 22.30 1.33 -1.68
CA THR B 85 23.42 2.25 -1.59
C THR B 85 24.02 2.64 -2.94
N SER B 86 23.61 1.96 -3.99
CA SER B 86 24.13 2.24 -5.32
C SER B 86 23.16 1.80 -6.41
N MET B 87 23.11 2.59 -7.49
CA MET B 87 22.22 2.28 -8.62
C MET B 87 22.99 2.65 -9.87
N ARG B 88 23.08 1.71 -10.82
CA ARG B 88 23.82 1.96 -12.05
C ARG B 88 23.30 1.16 -13.24
N GLY B 89 22.73 1.88 -14.20
CA GLY B 89 22.22 1.26 -15.42
C GLY B 89 21.23 0.12 -15.26
N THR B 90 21.75 -1.09 -15.13
CA THR B 90 20.92 -2.28 -15.00
C THR B 90 21.05 -2.94 -13.64
N SER B 91 21.80 -2.33 -12.73
CA SER B 91 21.99 -2.94 -11.43
C SER B 91 21.81 -2.05 -10.21
N LEU B 92 21.65 -2.69 -9.06
CA LEU B 92 21.47 -2.03 -7.77
C LEU B 92 22.29 -2.75 -6.73
N VAL B 93 22.82 -2.01 -5.76
CA VAL B 93 23.59 -2.63 -4.69
C VAL B 93 22.79 -2.44 -3.41
N PHE B 94 22.51 -3.54 -2.73
CA PHE B 94 21.77 -3.50 -1.47
C PHE B 94 22.73 -3.72 -0.33
N THR B 95 22.61 -2.91 0.72
CA THR B 95 23.44 -3.08 1.90
C THR B 95 22.43 -3.49 2.96
N GLN B 96 22.64 -4.67 3.55
CA GLN B 96 21.72 -5.18 4.54
C GLN B 96 22.43 -5.72 5.77
N ARG B 97 21.67 -5.87 6.85
CA ARG B 97 22.22 -6.42 8.07
C ARG B 97 21.10 -7.03 8.88
N ILE B 98 21.45 -7.99 9.74
CA ILE B 98 20.47 -8.65 10.57
C ILE B 98 20.85 -8.44 12.03
N VAL B 99 19.89 -7.97 12.82
CA VAL B 99 20.12 -7.74 14.23
C VAL B 99 19.02 -8.43 15.03
N ASN B 100 19.25 -8.62 16.33
CA ASN B 100 18.24 -9.22 17.16
C ASN B 100 17.49 -8.14 17.95
N ALA B 101 16.66 -8.57 18.90
CA ALA B 101 15.85 -7.65 19.70
C ALA B 101 16.61 -6.63 20.55
N GLU B 102 17.91 -6.83 20.72
CA GLU B 102 18.73 -5.91 21.51
C GLU B 102 19.64 -5.09 20.60
N ASN B 103 19.45 -5.26 19.30
CA ASN B 103 20.21 -4.58 18.25
C ASN B 103 21.65 -5.08 18.14
N THR B 104 21.88 -6.29 18.64
CA THR B 104 23.19 -6.91 18.52
C THR B 104 23.32 -7.27 17.03
N LEU B 105 24.49 -7.07 16.45
CA LEU B 105 24.70 -7.36 15.03
C LEU B 105 25.02 -8.84 14.83
N LEU B 106 24.14 -9.57 14.13
CA LEU B 106 24.35 -10.99 13.90
C LEU B 106 25.14 -11.26 12.62
N ASN B 107 24.79 -10.55 11.55
CA ASN B 107 25.50 -10.69 10.29
C ASN B 107 25.13 -9.54 9.36
N GLU B 108 25.90 -9.37 8.29
CA GLU B 108 25.62 -8.30 7.35
C GLU B 108 26.00 -8.72 5.95
N ALA B 109 25.37 -8.10 4.96
CA ALA B 109 25.65 -8.47 3.59
C ALA B 109 25.59 -7.32 2.61
N GLU B 110 26.29 -7.51 1.49
CA GLU B 110 26.28 -6.54 0.41
C GLU B 110 25.79 -7.36 -0.76
N VAL B 111 24.72 -6.92 -1.39
CA VAL B 111 24.12 -7.66 -2.49
C VAL B 111 23.99 -6.87 -3.79
N LEU B 112 24.67 -7.34 -4.83
CA LEU B 112 24.60 -6.71 -6.14
C LEU B 112 23.52 -7.46 -6.93
N VAL B 113 22.49 -6.72 -7.33
CA VAL B 113 21.37 -7.28 -8.07
C VAL B 113 21.30 -6.69 -9.48
N VAL B 114 20.86 -7.50 -10.43
CA VAL B 114 20.73 -7.05 -11.82
C VAL B 114 19.29 -7.14 -12.27
N CYS B 115 18.81 -6.09 -12.93
CA CYS B 115 17.44 -6.02 -13.45
C CYS B 115 17.37 -6.81 -14.76
N VAL B 116 16.40 -7.71 -14.87
CA VAL B 116 16.25 -8.52 -16.07
C VAL B 116 14.79 -8.68 -16.49
N ASP B 117 14.59 -9.12 -17.73
CA ASP B 117 13.24 -9.36 -18.23
C ASP B 117 12.82 -10.68 -17.58
N PRO B 118 11.63 -10.71 -16.96
CA PRO B 118 11.14 -11.93 -16.30
C PRO B 118 11.22 -13.19 -17.16
N LEU B 119 10.71 -13.09 -18.39
CA LEU B 119 10.69 -14.24 -19.29
C LEU B 119 12.04 -14.73 -19.79
N LYS B 120 12.84 -13.82 -20.36
CA LYS B 120 14.16 -14.20 -20.88
C LYS B 120 15.27 -14.11 -19.85
N MET B 121 15.02 -13.39 -18.77
CA MET B 121 16.00 -13.21 -17.71
C MET B 121 17.34 -12.68 -18.22
N LYS B 122 17.26 -11.72 -19.15
CA LYS B 122 18.47 -11.11 -19.70
C LYS B 122 18.51 -9.68 -19.16
N PRO B 123 19.71 -9.16 -18.87
CA PRO B 123 19.88 -7.80 -18.33
C PRO B 123 19.12 -6.74 -19.11
N ARG B 124 18.53 -5.79 -18.39
CA ARG B 124 17.80 -4.69 -19.00
C ARG B 124 17.84 -3.46 -18.10
N ALA B 125 17.92 -2.29 -18.72
CA ALA B 125 17.97 -1.04 -17.96
C ALA B 125 16.82 -0.95 -16.97
N LEU B 126 17.10 -0.44 -15.78
CA LEU B 126 16.09 -0.27 -14.75
C LEU B 126 15.05 0.73 -15.25
N PRO B 127 13.77 0.33 -15.29
CA PRO B 127 12.72 1.23 -15.75
C PRO B 127 12.76 2.55 -14.97
N LYS B 128 12.44 3.65 -15.64
CA LYS B 128 12.46 4.95 -14.97
C LYS B 128 11.50 5.00 -13.79
N SER B 129 10.49 4.14 -13.81
CA SER B 129 9.52 4.10 -12.73
C SER B 129 10.21 3.75 -11.42
N ILE B 130 11.22 2.88 -11.49
CA ILE B 130 11.97 2.48 -10.29
C ILE B 130 13.12 3.45 -10.05
N VAL B 131 13.82 3.82 -11.12
CA VAL B 131 14.94 4.75 -10.99
C VAL B 131 14.45 6.05 -10.37
N ALA B 132 13.32 6.55 -10.87
CA ALA B 132 12.75 7.79 -10.38
C ALA B 132 12.22 7.60 -8.96
N GLU B 133 12.19 6.35 -8.50
CA GLU B 133 11.70 6.03 -7.16
C GLU B 133 12.81 6.15 -6.12
N PHE B 134 14.03 5.76 -6.50
CA PHE B 134 15.16 5.80 -5.58
C PHE B 134 16.22 6.82 -5.99
N THR C 6 -11.00 -22.28 19.52
CA THR C 6 -9.52 -22.09 19.58
C THR C 6 -8.98 -21.57 18.24
N LEU C 7 -9.88 -21.24 17.32
CA LEU C 7 -9.49 -20.74 16.00
C LEU C 7 -8.44 -19.64 16.06
N PHE C 8 -7.33 -19.85 15.38
CA PHE C 8 -6.24 -18.88 15.31
C PHE C 8 -5.87 -18.66 13.86
N ARG C 9 -5.75 -17.40 13.46
CA ARG C 9 -5.38 -17.05 12.09
C ARG C 9 -3.95 -16.58 12.04
N TRP C 10 -3.22 -16.98 11.01
CA TRP C 10 -1.83 -16.57 10.86
C TRP C 10 -1.54 -16.20 9.42
N PRO C 11 -1.14 -14.94 9.17
CA PRO C 11 -0.86 -14.52 7.81
C PRO C 11 0.52 -15.01 7.36
N VAL C 12 0.65 -15.31 6.07
CA VAL C 12 1.92 -15.77 5.52
C VAL C 12 2.09 -15.25 4.09
N ARG C 13 3.20 -14.57 3.84
CA ARG C 13 3.50 -14.05 2.52
C ARG C 13 4.34 -15.07 1.78
N VAL C 14 4.02 -15.31 0.52
CA VAL C 14 4.76 -16.27 -0.30
C VAL C 14 5.96 -15.58 -0.96
N TYR C 15 7.16 -16.10 -0.71
CA TYR C 15 8.38 -15.53 -1.29
C TYR C 15 8.98 -16.53 -2.27
N TYR C 16 9.99 -16.11 -3.02
CA TYR C 16 10.61 -17.01 -4.00
C TYR C 16 11.07 -18.33 -3.40
N GLU C 17 11.59 -18.27 -2.17
CA GLU C 17 12.08 -19.48 -1.50
C GLU C 17 11.00 -20.56 -1.36
N ASP C 18 9.74 -20.13 -1.34
CA ASP C 18 8.60 -21.05 -1.19
C ASP C 18 8.06 -21.60 -2.52
N THR C 19 8.44 -20.99 -3.62
CA THR C 19 7.94 -21.42 -4.93
C THR C 19 8.87 -22.38 -5.65
N ASP C 20 8.38 -23.00 -6.72
CA ASP C 20 9.20 -23.89 -7.53
C ASP C 20 9.01 -23.54 -9.01
N ALA C 21 9.80 -24.19 -9.87
CA ALA C 21 9.77 -23.93 -11.31
C ALA C 21 8.40 -24.05 -11.96
N GLY C 22 7.45 -24.66 -11.26
CA GLY C 22 6.11 -24.81 -11.81
C GLY C 22 5.33 -23.52 -11.71
N GLY C 23 5.92 -22.53 -11.03
CA GLY C 23 5.26 -21.25 -10.86
C GLY C 23 4.27 -21.19 -9.71
N VAL C 24 4.34 -22.17 -8.81
CA VAL C 24 3.44 -22.23 -7.67
C VAL C 24 4.24 -22.60 -6.43
N VAL C 25 3.61 -22.55 -5.26
CA VAL C 25 4.28 -22.92 -4.02
C VAL C 25 4.61 -24.41 -4.03
N TYR C 26 5.84 -24.75 -3.63
CA TYR C 26 6.29 -26.14 -3.57
C TYR C 26 5.42 -26.86 -2.54
N HIS C 27 4.93 -28.05 -2.89
CA HIS C 27 4.03 -28.73 -1.97
C HIS C 27 4.53 -28.95 -0.55
N ALA C 28 5.84 -29.07 -0.37
CA ALA C 28 6.37 -29.27 0.97
C ALA C 28 6.46 -27.95 1.75
N SER C 29 6.46 -26.84 1.04
CA SER C 29 6.53 -25.53 1.69
C SER C 29 5.28 -25.27 2.53
N TYR C 30 4.13 -25.78 2.07
CA TYR C 30 2.88 -25.62 2.82
C TYR C 30 3.03 -26.29 4.18
N VAL C 31 3.73 -27.42 4.21
CA VAL C 31 3.93 -28.14 5.46
C VAL C 31 4.66 -27.25 6.47
N ALA C 32 5.64 -26.49 6.00
CA ALA C 32 6.38 -25.57 6.86
C ALA C 32 5.43 -24.47 7.35
N PHE C 33 4.60 -23.96 6.44
CA PHE C 33 3.64 -22.91 6.78
C PHE C 33 2.73 -23.39 7.90
N TYR C 34 2.26 -24.63 7.79
CA TYR C 34 1.39 -25.17 8.83
C TYR C 34 2.10 -25.24 10.17
N GLU C 35 3.38 -25.58 10.15
CA GLU C 35 4.17 -25.66 11.38
C GLU C 35 4.28 -24.29 12.06
N ARG C 36 4.49 -23.26 11.25
CA ARG C 36 4.61 -21.91 11.80
C ARG C 36 3.30 -21.53 12.48
N ALA C 37 2.19 -21.85 11.82
CA ALA C 37 0.88 -21.52 12.35
C ALA C 37 0.60 -22.20 13.69
N ARG C 38 1.02 -23.47 13.81
CA ARG C 38 0.83 -24.18 15.07
C ARG C 38 1.71 -23.52 16.14
N THR C 39 2.93 -23.17 15.75
CA THR C 39 3.85 -22.52 16.68
C THR C 39 3.28 -21.19 17.16
N GLU C 40 2.71 -20.42 16.22
CA GLU C 40 2.13 -19.12 16.56
C GLU C 40 0.84 -19.24 17.35
N MET C 41 0.07 -20.30 17.13
CA MET C 41 -1.14 -20.43 17.92
C MET C 41 -0.74 -20.74 19.35
N LEU C 42 0.26 -21.59 19.53
CA LEU C 42 0.72 -21.91 20.87
C LEU C 42 1.28 -20.66 21.55
N ARG C 43 1.99 -19.83 20.78
CA ARG C 43 2.56 -18.61 21.33
C ARG C 43 1.43 -17.68 21.79
N HIS C 44 0.33 -17.68 21.04
CA HIS C 44 -0.81 -16.84 21.36
C HIS C 44 -1.36 -17.16 22.76
N HIS C 45 -1.12 -18.38 23.22
CA HIS C 45 -1.56 -18.81 24.54
C HIS C 45 -0.38 -18.83 25.52
N HIS C 46 0.66 -18.09 25.15
CA HIS C 46 1.87 -17.95 25.95
C HIS C 46 2.73 -19.19 26.00
N PHE C 47 2.47 -20.13 25.10
CA PHE C 47 3.27 -21.33 25.04
C PHE C 47 4.35 -21.15 23.97
N SER C 48 5.27 -20.23 24.26
CA SER C 48 6.40 -19.94 23.39
C SER C 48 7.34 -21.14 23.53
N GLN C 49 8.33 -21.24 22.66
CA GLN C 49 9.30 -22.34 22.73
C GLN C 49 9.93 -22.32 24.12
N GLN C 50 10.26 -21.13 24.58
CA GLN C 50 10.88 -20.92 25.88
C GLN C 50 10.02 -21.51 27.00
N ALA C 51 8.73 -21.18 27.00
CA ALA C 51 7.80 -21.68 28.00
C ALA C 51 7.69 -23.21 27.92
N LEU C 52 7.67 -23.74 26.71
CA LEU C 52 7.57 -25.19 26.53
C LEU C 52 8.83 -25.87 27.06
N MET C 53 9.99 -25.31 26.72
CA MET C 53 11.25 -25.87 27.19
C MET C 53 11.30 -25.87 28.71
N ALA C 54 10.79 -24.80 29.32
CA ALA C 54 10.79 -24.70 30.77
C ALA C 54 9.93 -25.80 31.37
N GLU C 55 8.98 -26.29 30.59
CA GLU C 55 8.09 -27.35 31.04
C GLU C 55 8.60 -28.72 30.61
N ARG C 56 9.79 -28.75 30.03
CA ARG C 56 10.39 -30.01 29.56
C ARG C 56 9.46 -30.65 28.53
N VAL C 57 9.05 -29.88 27.55
CA VAL C 57 8.16 -30.38 26.52
C VAL C 57 8.45 -29.86 25.11
N ALA C 58 8.27 -30.75 24.15
CA ALA C 58 8.46 -30.45 22.73
C ALA C 58 7.38 -31.25 22.02
N PHE C 59 7.03 -30.84 20.82
CA PHE C 59 5.99 -31.55 20.06
C PHE C 59 6.55 -32.11 18.76
N VAL C 60 6.18 -33.35 18.46
CA VAL C 60 6.64 -34.01 17.24
C VAL C 60 5.42 -34.46 16.45
N VAL C 61 5.48 -34.35 15.14
CA VAL C 61 4.37 -34.77 14.30
C VAL C 61 4.38 -36.28 14.20
N ARG C 62 3.24 -36.90 14.48
CA ARG C 62 3.13 -38.36 14.42
C ARG C 62 2.45 -38.79 13.13
N LYS C 63 1.49 -37.99 12.68
CA LYS C 63 0.78 -38.28 11.44
C LYS C 63 0.22 -36.99 10.85
N MET C 64 0.26 -36.86 9.54
CA MET C 64 -0.23 -35.66 8.88
C MET C 64 -0.82 -35.98 7.52
N THR C 65 -2.03 -35.50 7.28
CA THR C 65 -2.70 -35.69 6.00
C THR C 65 -2.99 -34.33 5.39
N VAL C 66 -2.53 -34.12 4.15
CA VAL C 66 -2.72 -32.85 3.48
C VAL C 66 -3.48 -33.00 2.17
N GLU C 67 -4.46 -32.11 1.97
CA GLU C 67 -5.26 -32.10 0.76
C GLU C 67 -4.92 -30.84 -0.02
N TYR C 68 -4.49 -31.02 -1.26
CA TYR C 68 -4.11 -29.91 -2.13
C TYR C 68 -5.24 -29.59 -3.11
N TYR C 69 -5.87 -28.43 -2.94
CA TYR C 69 -6.98 -28.03 -3.80
C TYR C 69 -6.67 -27.02 -4.91
N ALA C 70 -6.01 -25.92 -4.53
CA ALA C 70 -5.65 -24.87 -5.48
C ALA C 70 -4.27 -24.33 -5.09
N PRO C 71 -3.48 -23.86 -6.06
CA PRO C 71 -2.13 -23.34 -5.78
C PRO C 71 -2.01 -21.90 -5.28
N ALA C 72 -0.95 -21.68 -4.49
CA ALA C 72 -0.62 -20.36 -3.99
C ALA C 72 0.49 -19.93 -4.93
N ARG C 73 0.58 -18.63 -5.23
CA ARG C 73 1.61 -18.15 -6.13
C ARG C 73 2.51 -17.11 -5.48
N LEU C 74 3.60 -16.77 -6.16
CA LEU C 74 4.56 -15.80 -5.69
C LEU C 74 3.89 -14.50 -5.24
N ASP C 75 4.21 -14.07 -4.03
CA ASP C 75 3.70 -12.85 -3.41
C ASP C 75 2.25 -12.87 -2.95
N ASP C 76 1.61 -14.04 -2.94
CA ASP C 76 0.24 -14.10 -2.44
C ASP C 76 0.31 -13.94 -0.92
N MET C 77 -0.67 -13.25 -0.34
CA MET C 77 -0.72 -13.14 1.12
C MET C 77 -1.75 -14.18 1.50
N LEU C 78 -1.32 -15.19 2.24
CA LEU C 78 -2.19 -16.27 2.65
C LEU C 78 -2.58 -16.16 4.11
N GLU C 79 -3.59 -16.94 4.49
CA GLU C 79 -4.01 -17.00 5.87
C GLU C 79 -4.10 -18.47 6.24
N ILE C 80 -3.34 -18.85 7.26
CA ILE C 80 -3.39 -20.22 7.74
C ILE C 80 -4.34 -20.16 8.92
N GLN C 81 -5.30 -21.08 8.96
CA GLN C 81 -6.28 -21.11 10.04
C GLN C 81 -6.05 -22.41 10.80
N THR C 82 -5.95 -22.30 12.13
CA THR C 82 -5.66 -23.47 12.96
C THR C 82 -6.58 -23.64 14.16
N GLU C 83 -6.88 -24.89 14.50
CA GLU C 83 -7.73 -25.24 15.64
C GLU C 83 -7.27 -26.55 16.23
N ILE C 84 -7.44 -26.69 17.54
CA ILE C 84 -7.09 -27.93 18.22
C ILE C 84 -8.44 -28.64 18.38
N THR C 85 -8.59 -29.80 17.76
CA THR C 85 -9.85 -30.52 17.81
C THR C 85 -9.84 -31.76 18.70
N SER C 86 -8.70 -32.08 19.31
CA SER C 86 -8.60 -33.24 20.17
C SER C 86 -7.34 -33.21 21.03
N MET C 87 -7.46 -33.68 22.27
CA MET C 87 -6.35 -33.71 23.21
C MET C 87 -6.48 -34.96 24.10
N ARG C 88 -5.61 -35.95 23.90
CA ARG C 88 -5.68 -37.17 24.69
C ARG C 88 -4.32 -37.80 25.02
N GLY C 89 -4.06 -38.00 26.31
CA GLY C 89 -2.82 -38.61 26.75
C GLY C 89 -1.58 -37.82 26.39
N THR C 90 -0.93 -38.21 25.30
CA THR C 90 0.28 -37.55 24.84
C THR C 90 0.02 -36.91 23.48
N SER C 91 -1.19 -37.07 22.97
CA SER C 91 -1.54 -36.58 21.64
C SER C 91 -2.40 -35.32 21.55
N LEU C 92 -2.14 -34.55 20.49
CA LEU C 92 -2.88 -33.33 20.17
C LEU C 92 -3.24 -33.43 18.70
N VAL C 93 -4.47 -33.07 18.35
CA VAL C 93 -4.89 -33.11 16.97
C VAL C 93 -5.20 -31.70 16.48
N PHE C 94 -4.47 -31.28 15.46
CA PHE C 94 -4.63 -29.95 14.89
C PHE C 94 -5.33 -30.05 13.55
N THR C 95 -6.30 -29.17 13.32
CA THR C 95 -7.00 -29.12 12.05
C THR C 95 -6.64 -27.77 11.47
N GLN C 96 -6.08 -27.77 10.26
CA GLN C 96 -5.65 -26.52 9.63
C GLN C 96 -6.07 -26.38 8.18
N ARG C 97 -6.14 -25.14 7.70
CA ARG C 97 -6.49 -24.89 6.32
C ARG C 97 -5.83 -23.59 5.88
N ILE C 98 -5.59 -23.47 4.58
CA ILE C 98 -4.96 -22.29 4.00
C ILE C 98 -5.83 -21.70 2.90
N VAL C 99 -6.08 -20.40 2.98
CA VAL C 99 -6.87 -19.70 1.97
C VAL C 99 -6.07 -18.51 1.46
N ASN C 100 -6.39 -18.04 0.26
CA ASN C 100 -5.68 -16.89 -0.29
C ASN C 100 -6.45 -15.62 0.01
N ALA C 101 -6.00 -14.51 -0.56
CA ALA C 101 -6.64 -13.21 -0.32
C ALA C 101 -8.08 -13.20 -0.79
N GLU C 102 -8.35 -13.85 -1.92
CA GLU C 102 -9.71 -13.91 -2.46
C GLU C 102 -10.53 -14.93 -1.69
N ASN C 103 -9.94 -15.44 -0.61
CA ASN C 103 -10.59 -16.42 0.25
C ASN C 103 -10.78 -17.81 -0.36
N THR C 104 -10.09 -18.07 -1.47
CA THR C 104 -10.17 -19.37 -2.14
C THR C 104 -9.45 -20.43 -1.29
N LEU C 105 -10.04 -21.63 -1.19
CA LEU C 105 -9.41 -22.71 -0.43
C LEU C 105 -8.25 -23.27 -1.25
N LEU C 106 -7.06 -23.27 -0.67
CA LEU C 106 -5.91 -23.78 -1.40
C LEU C 106 -5.44 -25.13 -0.89
N ASN C 107 -5.48 -25.30 0.43
CA ASN C 107 -4.94 -26.50 1.05
C ASN C 107 -5.61 -26.75 2.40
N GLU C 108 -5.58 -28.00 2.86
CA GLU C 108 -6.19 -28.36 4.14
C GLU C 108 -5.36 -29.46 4.79
N ALA C 109 -5.26 -29.46 6.12
CA ALA C 109 -4.46 -30.49 6.78
C ALA C 109 -4.98 -30.94 8.15
N GLU C 110 -4.73 -32.21 8.46
CA GLU C 110 -5.07 -32.76 9.77
C GLU C 110 -3.71 -33.20 10.32
N VAL C 111 -3.36 -32.72 11.50
CA VAL C 111 -2.07 -33.04 12.06
C VAL C 111 -2.15 -33.61 13.47
N LEU C 112 -1.62 -34.81 13.64
CA LEU C 112 -1.59 -35.47 14.94
C LEU C 112 -0.18 -35.26 15.47
N VAL C 113 -0.07 -34.60 16.62
CA VAL C 113 1.25 -34.38 17.19
C VAL C 113 1.32 -34.99 18.58
N VAL C 114 2.48 -35.49 18.96
CA VAL C 114 2.67 -36.08 20.27
C VAL C 114 3.63 -35.23 21.10
N CYS C 115 3.51 -35.34 22.42
CA CYS C 115 4.36 -34.59 23.34
C CYS C 115 5.57 -35.44 23.75
N VAL C 116 6.75 -34.84 23.72
CA VAL C 116 7.97 -35.55 24.08
C VAL C 116 8.88 -34.66 24.93
N ASP C 117 9.86 -35.28 25.60
CA ASP C 117 10.80 -34.51 26.40
C ASP C 117 11.92 -34.11 25.43
N PRO C 118 12.30 -32.82 25.42
CA PRO C 118 13.36 -32.32 24.54
C PRO C 118 14.64 -33.15 24.51
N LEU C 119 14.77 -34.12 25.42
CA LEU C 119 15.96 -34.97 25.46
C LEU C 119 15.79 -36.32 24.77
N LYS C 120 15.16 -37.26 25.44
CA LYS C 120 14.96 -38.60 24.90
C LYS C 120 14.10 -38.65 23.65
N MET C 121 13.47 -37.53 23.29
CA MET C 121 12.61 -37.49 22.11
C MET C 121 11.53 -38.56 22.16
N LYS C 122 11.20 -39.01 23.36
CA LYS C 122 10.18 -40.03 23.54
C LYS C 122 8.88 -39.39 24.01
N PRO C 123 7.73 -39.98 23.66
CA PRO C 123 6.46 -39.40 24.09
C PRO C 123 6.40 -39.27 25.60
N ARG C 124 5.57 -38.33 26.06
CA ARG C 124 5.37 -38.10 27.48
C ARG C 124 3.99 -37.51 27.62
N ALA C 125 3.46 -37.50 28.84
CA ALA C 125 2.14 -36.96 29.09
C ALA C 125 2.13 -35.46 28.82
N LEU C 126 0.99 -34.96 28.37
CA LEU C 126 0.83 -33.53 28.10
C LEU C 126 0.94 -32.79 29.42
N PRO C 127 1.74 -31.71 29.45
CA PRO C 127 1.89 -30.93 30.70
C PRO C 127 0.52 -30.47 31.18
N LYS C 128 0.33 -30.41 32.50
CA LYS C 128 -0.93 -29.99 33.09
C LYS C 128 -1.40 -28.63 32.59
N SER C 129 -0.46 -27.74 32.33
CA SER C 129 -0.78 -26.39 31.86
C SER C 129 -1.47 -26.39 30.49
N ILE C 130 -1.04 -27.26 29.60
CA ILE C 130 -1.61 -27.33 28.27
C ILE C 130 -3.05 -27.82 28.26
N VAL C 131 -3.32 -28.94 28.92
CA VAL C 131 -4.69 -29.45 28.96
C VAL C 131 -5.58 -28.41 29.61
N ALA C 132 -5.11 -27.82 30.69
CA ALA C 132 -5.86 -26.81 31.42
C ALA C 132 -6.19 -25.60 30.56
N GLU C 133 -5.23 -25.19 29.74
CA GLU C 133 -5.41 -24.03 28.88
C GLU C 133 -6.36 -24.26 27.71
N PHE C 134 -6.31 -25.44 27.10
CA PHE C 134 -7.17 -25.70 25.94
C PHE C 134 -8.45 -26.51 26.15
N LYS C 135 -8.54 -27.26 27.25
CA LYS C 135 -9.74 -28.06 27.50
C LYS C 135 -11.00 -27.18 27.42
N THR D 6 7.31 -54.11 -7.97
CA THR D 6 8.34 -53.21 -8.55
C THR D 6 8.74 -52.17 -7.52
N LEU D 7 9.71 -52.52 -6.68
CA LEU D 7 10.17 -51.61 -5.63
C LEU D 7 11.41 -50.82 -6.02
N PHE D 8 11.28 -49.51 -6.13
CA PHE D 8 12.40 -48.66 -6.47
C PHE D 8 13.03 -48.11 -5.19
N ARG D 9 14.35 -48.23 -5.08
CA ARG D 9 15.06 -47.77 -3.88
C ARG D 9 15.92 -46.56 -4.22
N TRP D 10 15.86 -45.53 -3.38
CA TRP D 10 16.64 -44.31 -3.61
C TRP D 10 17.37 -43.90 -2.35
N PRO D 11 18.71 -43.82 -2.40
CA PRO D 11 19.46 -43.41 -1.22
C PRO D 11 19.45 -41.91 -1.02
N VAL D 12 19.40 -41.47 0.23
CA VAL D 12 19.41 -40.04 0.55
C VAL D 12 20.25 -39.81 1.79
N ARG D 13 21.20 -38.90 1.70
CA ARG D 13 22.07 -38.55 2.82
C ARG D 13 21.48 -37.35 3.54
N VAL D 14 21.54 -37.36 4.88
CA VAL D 14 21.01 -36.25 5.67
C VAL D 14 22.09 -35.21 5.91
N TYR D 15 21.81 -33.98 5.51
CA TYR D 15 22.75 -32.87 5.67
C TYR D 15 22.19 -31.87 6.67
N TYR D 16 23.00 -30.90 7.08
CA TYR D 16 22.57 -29.89 8.03
C TYR D 16 21.27 -29.20 7.62
N GLU D 17 21.14 -28.90 6.33
CA GLU D 17 19.95 -28.23 5.81
C GLU D 17 18.67 -29.00 6.07
N ASP D 18 18.78 -30.32 6.28
CA ASP D 18 17.61 -31.16 6.51
C ASP D 18 17.23 -31.28 7.98
N THR D 19 18.17 -30.94 8.87
CA THR D 19 17.95 -31.07 10.31
C THR D 19 17.40 -29.79 10.94
N ASP D 20 16.92 -29.89 12.18
CA ASP D 20 16.46 -28.70 12.90
C ASP D 20 17.08 -28.68 14.29
N ALA D 21 16.83 -27.60 15.02
CA ALA D 21 17.38 -27.42 16.37
C ALA D 21 17.14 -28.59 17.32
N GLY D 22 16.16 -29.44 16.99
CA GLY D 22 15.86 -30.59 17.82
C GLY D 22 16.90 -31.69 17.69
N GLY D 23 17.80 -31.53 16.73
CA GLY D 23 18.85 -32.52 16.53
C GLY D 23 18.49 -33.65 15.58
N VAL D 24 17.33 -33.55 14.95
CA VAL D 24 16.89 -34.56 14.01
C VAL D 24 16.37 -33.92 12.73
N VAL D 25 15.99 -34.74 11.76
CA VAL D 25 15.47 -34.22 10.50
C VAL D 25 14.11 -33.56 10.70
N TYR D 26 13.96 -32.37 10.12
CA TYR D 26 12.73 -31.60 10.16
C TYR D 26 11.69 -32.41 9.37
N HIS D 27 10.48 -32.54 9.91
CA HIS D 27 9.48 -33.36 9.23
C HIS D 27 9.15 -33.02 7.77
N ALA D 28 9.22 -31.74 7.40
CA ALA D 28 8.93 -31.36 6.02
C ALA D 28 10.05 -31.81 5.07
N SER D 29 11.25 -32.03 5.60
CA SER D 29 12.37 -32.47 4.79
C SER D 29 12.08 -33.85 4.22
N TYR D 30 11.37 -34.67 4.99
CA TYR D 30 11.01 -36.02 4.53
C TYR D 30 10.07 -35.91 3.34
N VAL D 31 9.18 -34.92 3.35
CA VAL D 31 8.25 -34.73 2.25
C VAL D 31 9.05 -34.48 0.97
N ALA D 32 10.11 -33.68 1.08
CA ALA D 32 10.95 -33.40 -0.09
C ALA D 32 11.68 -34.68 -0.52
N PHE D 33 12.17 -35.44 0.44
CA PHE D 33 12.87 -36.69 0.12
C PHE D 33 11.94 -37.60 -0.67
N TYR D 34 10.68 -37.69 -0.26
CA TYR D 34 9.70 -38.53 -0.95
C TYR D 34 9.52 -38.07 -2.40
N GLU D 35 9.52 -36.76 -2.61
CA GLU D 35 9.35 -36.22 -3.96
C GLU D 35 10.54 -36.61 -4.84
N ARG D 36 11.74 -36.54 -4.30
CA ARG D 36 12.93 -36.91 -5.08
C ARG D 36 12.84 -38.36 -5.51
N ALA D 37 12.40 -39.22 -4.60
CA ALA D 37 12.30 -40.64 -4.90
C ALA D 37 11.30 -40.93 -6.01
N ARG D 38 10.16 -40.24 -6.00
CA ARG D 38 9.15 -40.44 -7.04
C ARG D 38 9.75 -39.98 -8.38
N THR D 39 10.43 -38.84 -8.34
CA THR D 39 11.07 -38.31 -9.53
C THR D 39 12.09 -39.30 -10.07
N GLU D 40 12.90 -39.88 -9.18
CA GLU D 40 13.90 -40.84 -9.60
C GLU D 40 13.31 -42.17 -10.06
N MET D 41 12.18 -42.58 -9.50
CA MET D 41 11.55 -43.83 -9.95
C MET D 41 11.12 -43.61 -11.40
N LEU D 42 10.48 -42.48 -11.66
CA LEU D 42 10.05 -42.17 -13.01
C LEU D 42 11.25 -42.09 -13.95
N ARG D 43 12.33 -41.47 -13.48
CA ARG D 43 13.53 -41.34 -14.32
C ARG D 43 14.06 -42.71 -14.71
N HIS D 44 14.02 -43.64 -13.75
CA HIS D 44 14.50 -45.00 -13.96
C HIS D 44 13.78 -45.65 -15.14
N HIS D 45 12.56 -45.20 -15.41
CA HIS D 45 11.78 -45.73 -16.52
C HIS D 45 11.82 -44.79 -17.72
N HIS D 46 12.79 -43.88 -17.69
CA HIS D 46 13.01 -42.90 -18.76
C HIS D 46 12.02 -41.75 -18.80
N PHE D 47 11.23 -41.61 -17.75
CA PHE D 47 10.27 -40.52 -17.69
C PHE D 47 10.85 -39.38 -16.88
N SER D 48 11.82 -38.72 -17.49
CA SER D 48 12.48 -37.56 -16.90
C SER D 48 11.49 -36.44 -17.01
N GLN D 49 11.77 -35.31 -16.35
CA GLN D 49 10.86 -34.17 -16.42
C GLN D 49 10.75 -33.75 -17.89
N GLN D 50 11.86 -33.81 -18.61
CA GLN D 50 11.90 -33.45 -20.01
C GLN D 50 10.98 -34.35 -20.84
N ALA D 51 11.02 -35.64 -20.55
CA ALA D 51 10.19 -36.61 -21.27
C ALA D 51 8.70 -36.39 -21.01
N LEU D 52 8.37 -36.04 -19.77
CA LEU D 52 6.97 -35.79 -19.41
C LEU D 52 6.46 -34.53 -20.09
N MET D 53 7.28 -33.48 -20.13
CA MET D 53 6.87 -32.24 -20.78
C MET D 53 6.64 -32.51 -22.26
N ALA D 54 7.46 -33.38 -22.84
CA ALA D 54 7.31 -33.72 -24.26
C ALA D 54 5.99 -34.48 -24.48
N GLU D 55 5.53 -35.17 -23.44
CA GLU D 55 4.28 -35.92 -23.51
C GLU D 55 3.12 -34.96 -23.18
N ARG D 56 3.47 -33.74 -22.81
CA ARG D 56 2.52 -32.70 -22.45
C ARG D 56 1.75 -33.01 -21.17
N VAL D 57 2.45 -33.57 -20.18
CA VAL D 57 1.82 -33.90 -18.91
C VAL D 57 2.72 -33.55 -17.74
N ALA D 58 2.10 -33.37 -16.58
CA ALA D 58 2.81 -33.06 -15.35
C ALA D 58 2.05 -33.78 -14.25
N PHE D 59 2.74 -34.08 -13.15
CA PHE D 59 2.11 -34.77 -12.03
C PHE D 59 2.09 -33.89 -10.81
N VAL D 60 0.92 -33.74 -10.20
CA VAL D 60 0.79 -32.91 -9.01
C VAL D 60 0.19 -33.72 -7.87
N VAL D 61 0.67 -33.45 -6.65
CA VAL D 61 0.16 -34.15 -5.47
C VAL D 61 -1.22 -33.62 -5.12
N ARG D 62 -2.19 -34.51 -4.98
CA ARG D 62 -3.55 -34.12 -4.64
C ARG D 62 -3.88 -34.39 -3.17
N LYS D 63 -3.33 -35.48 -2.64
CA LYS D 63 -3.55 -35.86 -1.24
C LYS D 63 -2.35 -36.68 -0.79
N MET D 64 -1.82 -36.34 0.38
CA MET D 64 -0.65 -37.04 0.89
C MET D 64 -0.71 -37.23 2.41
N THR D 65 -0.38 -38.43 2.85
CA THR D 65 -0.37 -38.74 4.28
C THR D 65 1.00 -39.31 4.64
N VAL D 66 1.56 -38.84 5.74
CA VAL D 66 2.84 -39.35 6.21
C VAL D 66 2.66 -39.70 7.68
N GLU D 67 3.13 -40.88 8.05
CA GLU D 67 3.07 -41.33 9.43
C GLU D 67 4.52 -41.48 9.88
N TYR D 68 4.84 -40.82 11.00
CA TYR D 68 6.19 -40.80 11.53
C TYR D 68 6.39 -41.74 12.72
N TYR D 69 7.47 -42.53 12.68
CA TYR D 69 7.75 -43.50 13.73
C TYR D 69 9.06 -43.26 14.50
N ALA D 70 10.14 -43.03 13.75
CA ALA D 70 11.45 -42.82 14.37
C ALA D 70 12.19 -41.74 13.58
N PRO D 71 13.16 -41.07 14.23
CA PRO D 71 13.94 -40.01 13.59
C PRO D 71 15.22 -40.38 12.85
N ALA D 72 15.68 -39.44 12.02
CA ALA D 72 16.92 -39.58 11.28
C ALA D 72 17.77 -38.41 11.77
N ARG D 73 19.09 -38.53 11.64
CA ARG D 73 20.00 -37.46 12.09
C ARG D 73 21.07 -37.14 11.06
N LEU D 74 21.79 -36.05 11.30
CA LEU D 74 22.88 -35.62 10.43
C LEU D 74 23.79 -36.80 10.12
N ASP D 75 24.19 -36.91 8.84
CA ASP D 75 25.08 -37.97 8.35
C ASP D 75 24.44 -39.33 8.10
N ASP D 76 23.20 -39.52 8.53
CA ASP D 76 22.54 -40.80 8.30
C ASP D 76 22.31 -41.02 6.80
N MET D 77 22.51 -42.25 6.33
CA MET D 77 22.24 -42.56 4.94
C MET D 77 20.92 -43.29 4.99
N LEU D 78 19.91 -42.72 4.35
CA LEU D 78 18.59 -43.32 4.35
C LEU D 78 18.26 -43.95 3.01
N GLU D 79 17.20 -44.75 3.00
CA GLU D 79 16.75 -45.36 1.77
C GLU D 79 15.26 -45.07 1.65
N ILE D 80 14.87 -44.46 0.54
CA ILE D 80 13.47 -44.18 0.31
C ILE D 80 13.01 -45.32 -0.60
N GLN D 81 11.92 -45.97 -0.24
CA GLN D 81 11.38 -47.08 -1.03
C GLN D 81 10.10 -46.59 -1.67
N THR D 82 9.95 -46.83 -2.96
CA THR D 82 8.80 -46.33 -3.69
C THR D 82 8.20 -47.35 -4.63
N GLU D 83 6.88 -47.34 -4.70
CA GLU D 83 6.18 -48.23 -5.61
C GLU D 83 4.85 -47.60 -6.00
N ILE D 84 4.40 -47.92 -7.20
CA ILE D 84 3.11 -47.41 -7.64
C ILE D 84 2.16 -48.53 -7.26
N THR D 85 1.32 -48.27 -6.26
CA THR D 85 0.39 -49.31 -5.81
C THR D 85 -0.94 -49.30 -6.54
N SER D 86 -1.18 -48.26 -7.34
CA SER D 86 -2.42 -48.17 -8.11
C SER D 86 -2.27 -47.17 -9.27
N MET D 87 -2.57 -47.61 -10.49
CA MET D 87 -2.47 -46.73 -11.66
C MET D 87 -3.86 -46.59 -12.24
N ARG D 88 -4.34 -45.36 -12.31
CA ARG D 88 -5.68 -45.09 -12.85
C ARG D 88 -5.57 -44.30 -14.15
N GLY D 89 -6.70 -44.00 -14.77
CA GLY D 89 -6.69 -43.26 -16.02
C GLY D 89 -6.16 -41.85 -15.93
N THR D 90 -6.31 -41.21 -14.76
CA THR D 90 -5.84 -39.84 -14.60
C THR D 90 -5.09 -39.62 -13.30
N SER D 91 -4.73 -40.71 -12.60
CA SER D 91 -4.03 -40.58 -11.33
C SER D 91 -3.22 -41.80 -10.99
N LEU D 92 -2.32 -41.63 -10.02
CA LEU D 92 -1.46 -42.71 -9.55
C LEU D 92 -1.37 -42.64 -8.03
N VAL D 93 -1.33 -43.79 -7.38
CA VAL D 93 -1.16 -43.80 -5.94
C VAL D 93 0.20 -44.41 -5.69
N PHE D 94 1.03 -43.67 -4.95
CA PHE D 94 2.36 -44.09 -4.61
C PHE D 94 2.37 -44.48 -3.13
N THR D 95 3.04 -45.59 -2.81
CA THR D 95 3.19 -45.99 -1.44
C THR D 95 4.70 -45.89 -1.22
N GLN D 96 5.10 -45.11 -0.22
CA GLN D 96 6.51 -44.91 0.03
C GLN D 96 6.87 -45.09 1.50
N ARG D 97 8.15 -45.35 1.77
CA ARG D 97 8.61 -45.48 3.14
C ARG D 97 10.08 -45.13 3.20
N ILE D 98 10.52 -44.70 4.37
CA ILE D 98 11.91 -44.32 4.58
C ILE D 98 12.47 -45.15 5.73
N VAL D 99 13.62 -45.79 5.50
CA VAL D 99 14.27 -46.58 6.54
C VAL D 99 15.72 -46.14 6.65
N ASN D 100 16.36 -46.45 7.78
CA ASN D 100 17.75 -46.07 7.96
C ASN D 100 18.65 -47.24 7.63
N ALA D 101 19.95 -47.05 7.84
CA ALA D 101 20.95 -48.06 7.55
C ALA D 101 20.68 -49.39 8.28
N GLU D 102 20.02 -49.30 9.43
CA GLU D 102 19.69 -50.48 10.24
C GLU D 102 18.39 -51.10 9.75
N ASN D 103 17.79 -50.46 8.76
CA ASN D 103 16.53 -50.90 8.17
C ASN D 103 15.33 -50.67 9.09
N THR D 104 15.48 -49.76 10.03
CA THR D 104 14.39 -49.43 10.94
C THR D 104 13.45 -48.49 10.19
N LEU D 105 12.14 -48.69 10.35
CA LEU D 105 11.15 -47.85 9.68
C LEU D 105 11.10 -46.46 10.32
N LEU D 106 11.41 -45.43 9.56
CA LEU D 106 11.40 -44.07 10.09
C LEU D 106 10.02 -43.44 9.89
N ASN D 107 9.50 -43.57 8.67
CA ASN D 107 8.18 -43.04 8.37
C ASN D 107 7.68 -43.64 7.06
N GLU D 108 6.42 -43.46 6.77
CA GLU D 108 5.85 -44.00 5.54
C GLU D 108 4.81 -43.04 5.01
N ALA D 109 4.56 -43.10 3.71
CA ALA D 109 3.62 -42.20 3.09
C ALA D 109 2.74 -42.82 2.01
N GLU D 110 1.57 -42.23 1.83
CA GLU D 110 0.64 -42.66 0.80
C GLU D 110 0.38 -41.37 0.02
N VAL D 111 0.71 -41.38 -1.26
CA VAL D 111 0.56 -40.18 -2.07
C VAL D 111 -0.31 -40.33 -3.31
N LEU D 112 -1.38 -39.54 -3.39
CA LEU D 112 -2.25 -39.56 -4.57
C LEU D 112 -1.77 -38.44 -5.49
N VAL D 113 -1.32 -38.82 -6.68
CA VAL D 113 -0.85 -37.82 -7.64
C VAL D 113 -1.76 -37.83 -8.85
N VAL D 114 -2.05 -36.64 -9.37
CA VAL D 114 -2.92 -36.50 -10.52
C VAL D 114 -2.14 -36.00 -11.74
N CYS D 115 -2.52 -36.50 -12.90
CA CYS D 115 -1.88 -36.12 -14.16
C CYS D 115 -2.60 -34.88 -14.68
N VAL D 116 -1.84 -33.85 -15.05
CA VAL D 116 -2.45 -32.62 -15.56
C VAL D 116 -1.69 -32.07 -16.76
N ASP D 117 -2.32 -31.15 -17.47
CA ASP D 117 -1.70 -30.51 -18.62
C ASP D 117 -0.78 -29.44 -18.03
N PRO D 118 0.46 -29.37 -18.51
CA PRO D 118 1.46 -28.41 -18.02
C PRO D 118 1.07 -26.95 -18.17
N LEU D 119 0.09 -26.69 -19.03
CA LEU D 119 -0.35 -25.32 -19.26
C LEU D 119 -1.52 -24.89 -18.37
N LYS D 120 -2.70 -25.43 -18.64
CA LYS D 120 -3.89 -25.08 -17.86
C LYS D 120 -3.92 -25.78 -16.50
N MET D 121 -3.10 -26.81 -16.33
CA MET D 121 -3.04 -27.54 -15.08
C MET D 121 -4.35 -28.29 -14.80
N LYS D 122 -5.11 -28.55 -15.87
CA LYS D 122 -6.37 -29.27 -15.75
C LYS D 122 -6.05 -30.75 -15.88
N PRO D 123 -6.92 -31.61 -15.32
CA PRO D 123 -6.67 -33.05 -15.41
C PRO D 123 -6.48 -33.52 -16.85
N ARG D 124 -5.64 -34.53 -17.00
CA ARG D 124 -5.35 -35.09 -18.31
C ARG D 124 -5.10 -36.58 -18.10
N ALA D 125 -5.48 -37.41 -19.06
CA ALA D 125 -5.27 -38.84 -18.93
C ALA D 125 -3.78 -39.17 -19.00
N LEU D 126 -3.38 -40.22 -18.29
CA LEU D 126 -1.98 -40.63 -18.30
C LEU D 126 -1.62 -41.03 -19.73
N PRO D 127 -0.46 -40.59 -20.21
CA PRO D 127 -0.04 -40.94 -21.59
C PRO D 127 0.05 -42.44 -21.77
N LYS D 128 -0.24 -42.94 -22.97
CA LYS D 128 -0.18 -44.37 -23.22
C LYS D 128 1.22 -44.95 -23.00
N SER D 129 2.25 -44.13 -23.15
CA SER D 129 3.63 -44.59 -22.95
C SER D 129 3.83 -44.96 -21.48
N ILE D 130 3.21 -44.19 -20.59
CA ILE D 130 3.33 -44.45 -19.16
C ILE D 130 2.49 -45.67 -18.80
N VAL D 131 1.30 -45.75 -19.38
CA VAL D 131 0.42 -46.88 -19.13
C VAL D 131 1.12 -48.16 -19.59
N ALA D 132 1.73 -48.10 -20.77
CA ALA D 132 2.42 -49.25 -21.34
C ALA D 132 3.61 -49.67 -20.49
N GLU D 133 4.39 -48.69 -20.04
CA GLU D 133 5.58 -48.94 -19.25
C GLU D 133 5.29 -49.62 -17.90
N PHE D 134 4.29 -49.13 -17.17
CA PHE D 134 3.98 -49.74 -15.87
C PHE D 134 2.78 -50.66 -15.92
N GLY E 1 15.37 21.88 14.79
CA GLY E 1 14.47 22.56 13.82
C GLY E 1 14.18 24.01 14.20
N HIS E 2 13.56 24.75 13.29
CA HIS E 2 13.24 26.15 13.55
C HIS E 2 12.42 26.32 14.82
N MET E 3 12.65 27.43 15.53
CA MET E 3 11.92 27.72 16.75
C MET E 3 10.47 28.10 16.42
N ASN E 4 9.59 27.97 17.40
CA ASN E 4 8.18 28.34 17.21
C ASN E 4 8.10 29.86 17.13
N THR E 5 7.19 30.35 16.30
CA THR E 5 7.01 31.80 16.16
C THR E 5 6.17 32.29 17.33
N THR E 6 6.25 33.59 17.63
CA THR E 6 5.46 34.15 18.71
C THR E 6 4.27 34.90 18.11
N LEU E 7 4.22 34.97 16.79
CA LEU E 7 3.13 35.63 16.08
C LEU E 7 1.88 34.77 16.30
N PHE E 8 0.70 35.32 16.02
CA PHE E 8 -0.52 34.55 16.19
C PHE E 8 -0.45 33.28 15.36
N ARG E 9 -0.74 32.14 15.98
CA ARG E 9 -0.70 30.85 15.31
C ARG E 9 -2.09 30.23 15.19
N TRP E 10 -2.41 29.70 14.01
CA TRP E 10 -3.71 29.06 13.80
C TRP E 10 -3.48 27.69 13.20
N PRO E 11 -3.88 26.63 13.92
CA PRO E 11 -3.72 25.25 13.44
C PRO E 11 -4.78 24.91 12.40
N VAL E 12 -4.41 24.12 11.40
CA VAL E 12 -5.34 23.72 10.34
C VAL E 12 -5.05 22.29 9.93
N ARG E 13 -6.09 21.45 9.92
CA ARG E 13 -5.95 20.06 9.51
C ARG E 13 -6.30 19.95 8.04
N VAL E 14 -5.54 19.15 7.30
CA VAL E 14 -5.77 18.95 5.87
C VAL E 14 -6.73 17.78 5.65
N TYR E 15 -7.86 18.05 4.99
CA TYR E 15 -8.86 17.03 4.71
C TYR E 15 -8.90 16.76 3.22
N TYR E 16 -9.60 15.72 2.81
CA TYR E 16 -9.70 15.38 1.40
C TYR E 16 -10.12 16.57 0.54
N GLU E 17 -11.05 17.37 1.07
CA GLU E 17 -11.55 18.53 0.34
C GLU E 17 -10.44 19.52 -0.05
N ASP E 18 -9.35 19.51 0.70
CA ASP E 18 -8.22 20.42 0.45
C ASP E 18 -7.15 19.88 -0.50
N THR E 19 -7.16 18.57 -0.74
CA THR E 19 -6.17 17.93 -1.60
C THR E 19 -6.64 17.79 -3.04
N ASP E 20 -5.71 17.46 -3.94
CA ASP E 20 -6.06 17.23 -5.35
C ASP E 20 -5.44 15.91 -5.81
N ALA E 21 -5.72 15.52 -7.05
CA ALA E 21 -5.22 14.25 -7.59
C ALA E 21 -3.70 14.10 -7.55
N GLY E 22 -2.99 15.21 -7.40
CA GLY E 22 -1.54 15.14 -7.34
C GLY E 22 -1.04 14.55 -6.04
N GLY E 23 -1.96 14.36 -5.09
CA GLY E 23 -1.59 13.80 -3.80
C GLY E 23 -1.14 14.83 -2.78
N VAL E 24 -1.37 16.11 -3.07
CA VAL E 24 -0.97 17.18 -2.17
C VAL E 24 -2.08 18.22 -2.04
N VAL E 25 -1.89 19.20 -1.17
CA VAL E 25 -2.89 20.24 -1.00
C VAL E 25 -2.95 21.11 -2.26
N TYR E 26 -4.17 21.37 -2.73
CA TYR E 26 -4.40 22.18 -3.92
C TYR E 26 -3.94 23.60 -3.58
N HIS E 27 -3.21 24.26 -4.49
CA HIS E 27 -2.71 25.58 -4.14
C HIS E 27 -3.72 26.64 -3.74
N ALA E 28 -4.94 26.57 -4.27
CA ALA E 28 -5.94 27.56 -3.88
C ALA E 28 -6.46 27.29 -2.47
N SER E 29 -6.32 26.06 -2.00
CA SER E 29 -6.77 25.71 -0.65
C SER E 29 -5.96 26.50 0.37
N TYR E 30 -4.67 26.70 0.09
CA TYR E 30 -3.83 27.47 1.01
C TYR E 30 -4.35 28.89 1.13
N VAL E 31 -4.83 29.45 0.02
CA VAL E 31 -5.34 30.81 0.04
C VAL E 31 -6.50 30.89 1.03
N ALA E 32 -7.37 29.89 1.03
CA ALA E 32 -8.50 29.87 1.96
C ALA E 32 -7.95 29.75 3.39
N PHE E 33 -6.95 28.90 3.59
CA PHE E 33 -6.35 28.73 4.92
C PHE E 33 -5.85 30.06 5.44
N TYR E 34 -5.18 30.83 4.58
CA TYR E 34 -4.66 32.14 4.97
C TYR E 34 -5.77 33.07 5.41
N GLU E 35 -6.90 33.02 4.71
CA GLU E 35 -8.05 33.86 5.03
C GLU E 35 -8.56 33.51 6.42
N ARG E 36 -8.66 32.20 6.71
CA ARG E 36 -9.13 31.78 8.02
C ARG E 36 -8.22 32.33 9.11
N ALA E 37 -6.91 32.25 8.88
CA ALA E 37 -5.94 32.72 9.86
C ALA E 37 -6.05 34.22 10.12
N ARG E 38 -6.27 35.02 9.07
CA ARG E 38 -6.41 36.45 9.26
C ARG E 38 -7.67 36.70 10.09
N THR E 39 -8.72 35.96 9.77
CA THR E 39 -9.98 36.08 10.49
C THR E 39 -9.82 35.71 11.95
N GLU E 40 -9.08 34.62 12.21
CA GLU E 40 -8.85 34.18 13.57
C GLU E 40 -7.89 35.09 14.33
N MET E 41 -6.91 35.66 13.64
CA MET E 41 -5.96 36.55 14.29
C MET E 41 -6.74 37.78 14.75
N LEU E 42 -7.62 38.28 13.88
CA LEU E 42 -8.44 39.44 14.23
C LEU E 42 -9.39 39.09 15.38
N ARG E 43 -9.91 37.87 15.38
CA ARG E 43 -10.82 37.43 16.44
C ARG E 43 -10.08 37.41 17.78
N HIS E 44 -8.82 36.98 17.74
CA HIS E 44 -7.99 36.91 18.94
C HIS E 44 -7.94 38.27 19.63
N HIS E 45 -8.07 39.34 18.85
CA HIS E 45 -8.05 40.69 19.41
C HIS E 45 -9.46 41.27 19.53
N HIS E 46 -10.44 40.38 19.48
CA HIS E 46 -11.85 40.71 19.62
C HIS E 46 -12.47 41.38 18.40
N PHE E 47 -11.75 41.37 17.29
CA PHE E 47 -12.28 41.95 16.07
C PHE E 47 -12.96 40.86 15.25
N SER E 48 -14.08 40.38 15.78
CA SER E 48 -14.87 39.36 15.10
C SER E 48 -15.52 40.08 13.93
N GLN E 49 -16.13 39.32 13.02
CA GLN E 49 -16.78 39.96 11.88
C GLN E 49 -17.87 40.89 12.40
N GLN E 50 -18.50 40.47 13.50
CA GLN E 50 -19.56 41.24 14.14
C GLN E 50 -19.04 42.58 14.69
N ALA E 51 -17.86 42.56 15.30
CA ALA E 51 -17.29 43.79 15.84
C ALA E 51 -16.84 44.74 14.73
N LEU E 52 -16.32 44.20 13.64
CA LEU E 52 -15.87 45.04 12.54
C LEU E 52 -17.07 45.74 11.90
N MET E 53 -18.14 45.00 11.67
CA MET E 53 -19.34 45.56 11.08
C MET E 53 -19.85 46.69 11.98
N ALA E 54 -19.79 46.46 13.29
CA ALA E 54 -20.24 47.44 14.28
C ALA E 54 -19.49 48.76 14.15
N GLU E 55 -18.23 48.68 13.76
CA GLU E 55 -17.44 49.90 13.59
C GLU E 55 -17.40 50.33 12.13
N ARG E 56 -18.35 49.85 11.36
CA ARG E 56 -18.43 50.18 9.93
C ARG E 56 -17.09 49.96 9.25
N VAL E 57 -16.56 48.76 9.41
CA VAL E 57 -15.29 48.38 8.82
C VAL E 57 -15.40 47.03 8.16
N ALA E 58 -14.79 46.91 6.99
CA ALA E 58 -14.77 45.67 6.23
C ALA E 58 -13.42 45.67 5.53
N PHE E 59 -12.80 44.51 5.45
CA PHE E 59 -11.49 44.40 4.80
C PHE E 59 -11.61 43.67 3.47
N VAL E 60 -10.98 44.23 2.44
CA VAL E 60 -11.00 43.64 1.12
C VAL E 60 -9.57 43.40 0.64
N VAL E 61 -9.32 42.24 0.05
CA VAL E 61 -7.97 41.93 -0.43
C VAL E 61 -7.71 42.70 -1.72
N ARG E 62 -6.61 43.45 -1.74
CA ARG E 62 -6.23 44.24 -2.90
C ARG E 62 -5.12 43.58 -3.70
N LYS E 63 -4.20 42.95 -2.99
CA LYS E 63 -3.07 42.28 -3.63
C LYS E 63 -2.58 41.14 -2.73
N MET E 64 -2.26 40.00 -3.34
CA MET E 64 -1.78 38.87 -2.58
C MET E 64 -0.68 38.13 -3.32
N THR E 65 0.46 37.95 -2.67
CA THR E 65 1.58 37.23 -3.25
C THR E 65 1.84 36.00 -2.42
N VAL E 66 1.81 34.84 -3.04
CA VAL E 66 2.08 33.60 -2.32
C VAL E 66 3.27 32.90 -2.94
N GLU E 67 4.22 32.52 -2.10
CA GLU E 67 5.41 31.82 -2.56
C GLU E 67 5.31 30.42 -1.97
N TYR E 68 5.30 29.41 -2.84
CA TYR E 68 5.20 28.03 -2.41
C TYR E 68 6.57 27.37 -2.45
N TYR E 69 6.91 26.63 -1.40
CA TYR E 69 8.21 25.95 -1.32
C TYR E 69 8.10 24.44 -1.31
N ALA E 70 7.28 23.90 -0.41
CA ALA E 70 7.08 22.47 -0.28
C ALA E 70 5.61 22.18 -0.01
N PRO E 71 5.14 20.97 -0.36
CA PRO E 71 3.74 20.58 -0.17
C PRO E 71 3.31 20.01 1.18
N ALA E 72 2.00 20.04 1.40
CA ALA E 72 1.39 19.47 2.59
C ALA E 72 0.56 18.34 2.01
N ARG E 73 0.27 17.34 2.82
CA ARG E 73 -0.49 16.20 2.36
C ARG E 73 -1.67 15.89 3.26
N LEU E 74 -2.53 14.98 2.79
CA LEU E 74 -3.72 14.58 3.51
C LEU E 74 -3.46 14.25 4.98
N ASP E 75 -4.24 14.88 5.84
CA ASP E 75 -4.19 14.71 7.29
C ASP E 75 -3.01 15.37 8.02
N ASP E 76 -2.25 16.20 7.31
CA ASP E 76 -1.15 16.90 7.97
C ASP E 76 -1.78 17.97 8.86
N MET E 77 -1.18 18.25 10.01
CA MET E 77 -1.68 19.31 10.86
C MET E 77 -0.74 20.46 10.58
N LEU E 78 -1.28 21.54 10.03
CA LEU E 78 -0.47 22.70 9.70
C LEU E 78 -0.65 23.80 10.72
N GLU E 79 0.25 24.77 10.67
CA GLU E 79 0.17 25.93 11.53
C GLU E 79 0.39 27.17 10.68
N ILE E 80 -0.59 28.07 10.70
CA ILE E 80 -0.47 29.30 9.93
C ILE E 80 -0.06 30.41 10.89
N GLN E 81 0.96 31.17 10.50
CA GLN E 81 1.48 32.27 11.31
C GLN E 81 1.03 33.58 10.67
N THR E 82 0.49 34.48 11.48
CA THR E 82 -0.04 35.73 10.95
C THR E 82 0.28 36.95 11.78
N GLU E 83 0.59 38.04 11.11
CA GLU E 83 0.87 39.30 11.77
C GLU E 83 0.55 40.47 10.85
N ILE E 84 0.11 41.57 11.44
CA ILE E 84 -0.18 42.77 10.68
C ILE E 84 1.13 43.55 10.71
N THR E 85 1.81 43.57 9.57
CA THR E 85 3.09 44.26 9.46
C THR E 85 2.99 45.77 9.50
N SER E 86 2.41 46.34 8.46
CA SER E 86 2.29 47.78 8.39
C SER E 86 0.87 48.24 8.15
N MET E 87 0.56 49.41 8.70
CA MET E 87 -0.76 50.01 8.56
C MET E 87 -0.58 51.39 7.95
N ARG E 88 -1.34 51.66 6.88
CA ARG E 88 -1.25 52.97 6.25
C ARG E 88 -2.53 53.71 6.59
N GLY E 89 -2.90 54.67 5.75
CA GLY E 89 -4.10 55.43 5.99
C GLY E 89 -5.38 54.63 5.95
N THR E 90 -5.62 53.94 4.84
CA THR E 90 -6.83 53.15 4.70
C THR E 90 -6.55 51.70 4.29
N SER E 91 -5.35 51.23 4.61
CA SER E 91 -4.97 49.85 4.27
C SER E 91 -3.92 49.31 5.23
N LEU E 92 -3.65 48.02 5.13
CA LEU E 92 -2.66 47.38 5.98
C LEU E 92 -2.17 46.09 5.34
N VAL E 93 -0.97 45.67 5.73
CA VAL E 93 -0.38 44.47 5.18
C VAL E 93 -0.29 43.32 6.18
N PHE E 94 -0.76 42.15 5.75
CA PHE E 94 -0.70 40.95 6.57
C PHE E 94 0.45 40.10 6.02
N THR E 95 1.33 39.65 6.90
CA THR E 95 2.44 38.79 6.49
C THR E 95 2.10 37.44 7.10
N GLN E 96 2.00 36.40 6.27
CA GLN E 96 1.63 35.09 6.76
C GLN E 96 2.56 33.99 6.28
N ARG E 97 2.61 32.90 7.05
CA ARG E 97 3.44 31.77 6.71
C ARG E 97 2.80 30.47 7.17
N ILE E 98 2.99 29.41 6.38
CA ILE E 98 2.44 28.11 6.73
C ILE E 98 3.58 27.12 6.91
N VAL E 99 3.63 26.48 8.06
CA VAL E 99 4.66 25.49 8.36
C VAL E 99 3.99 24.18 8.74
N ASN E 100 4.71 23.06 8.60
CA ASN E 100 4.15 21.79 8.98
C ASN E 100 4.54 21.51 10.42
N ALA E 101 4.23 20.32 10.90
CA ALA E 101 4.51 19.95 12.28
C ALA E 101 5.99 20.11 12.67
N GLU E 102 6.87 20.26 11.67
CA GLU E 102 8.29 20.41 11.93
C GLU E 102 8.78 21.86 11.84
N ASN E 103 7.82 22.76 11.64
CA ASN E 103 8.12 24.19 11.51
C ASN E 103 8.84 24.47 10.20
N THR E 104 8.78 23.50 9.29
CA THR E 104 9.37 23.66 7.96
C THR E 104 8.41 24.55 7.20
N LEU E 105 8.94 25.62 6.61
CA LEU E 105 8.14 26.57 5.86
C LEU E 105 7.65 25.96 4.54
N LEU E 106 6.34 25.79 4.42
CA LEU E 106 5.75 25.22 3.22
C LEU E 106 5.51 26.31 2.20
N ASN E 107 4.99 27.45 2.65
CA ASN E 107 4.74 28.58 1.77
C ASN E 107 4.49 29.83 2.61
N GLU E 108 4.48 30.98 1.96
CA GLU E 108 4.27 32.23 2.68
C GLU E 108 3.48 33.19 1.80
N ALA E 109 2.84 34.16 2.45
CA ALA E 109 2.05 35.12 1.70
C ALA E 109 2.14 36.52 2.27
N GLU E 110 2.00 37.51 1.39
CA GLU E 110 1.98 38.90 1.79
C GLU E 110 0.65 39.38 1.24
N VAL E 111 -0.23 39.79 2.13
CA VAL E 111 -1.56 40.22 1.73
C VAL E 111 -1.87 41.67 2.05
N LEU E 112 -2.11 42.45 1.02
CA LEU E 112 -2.46 43.87 1.18
C LEU E 112 -3.97 43.97 1.19
N VAL E 113 -4.51 44.48 2.29
CA VAL E 113 -5.95 44.63 2.41
C VAL E 113 -6.29 46.11 2.57
N VAL E 114 -7.40 46.53 2.00
CA VAL E 114 -7.84 47.92 2.12
C VAL E 114 -9.06 47.96 3.02
N CYS E 115 -9.15 49.00 3.84
CA CYS E 115 -10.26 49.17 4.76
C CYS E 115 -11.40 49.86 4.04
N VAL E 116 -12.59 49.27 4.12
CA VAL E 116 -13.75 49.82 3.44
C VAL E 116 -14.95 50.06 4.36
N ASP E 117 -15.75 51.06 4.03
CA ASP E 117 -16.95 51.38 4.78
C ASP E 117 -18.10 50.62 4.13
N PRO E 118 -18.54 49.52 4.77
CA PRO E 118 -19.63 48.65 4.28
C PRO E 118 -20.82 49.36 3.65
N LEU E 119 -21.14 50.56 4.12
CA LEU E 119 -22.28 51.32 3.59
C LEU E 119 -22.26 51.56 2.08
N LYS E 120 -21.07 51.73 1.49
CA LYS E 120 -20.97 51.96 0.05
C LYS E 120 -19.69 51.36 -0.52
N MET E 121 -19.10 50.44 0.23
CA MET E 121 -17.87 49.79 -0.20
C MET E 121 -16.83 50.82 -0.64
N LYS E 122 -16.75 51.92 0.12
CA LYS E 122 -15.81 52.99 -0.14
C LYS E 122 -14.69 52.97 0.88
N PRO E 123 -13.42 53.05 0.41
CA PRO E 123 -12.26 53.03 1.29
C PRO E 123 -12.40 53.99 2.47
N ARG E 124 -11.86 53.60 3.61
CA ARG E 124 -11.93 54.44 4.80
C ARG E 124 -10.68 54.27 5.64
N ALA E 125 -10.40 55.28 6.46
CA ALA E 125 -9.23 55.25 7.32
C ALA E 125 -9.40 54.17 8.37
N LEU E 126 -8.31 53.52 8.74
CA LEU E 126 -8.35 52.49 9.76
C LEU E 126 -8.92 53.09 11.04
N PRO E 127 -9.85 52.37 11.69
CA PRO E 127 -10.43 52.88 12.93
C PRO E 127 -9.36 52.95 14.01
N LYS E 128 -9.47 53.93 14.91
CA LYS E 128 -8.49 54.08 15.97
C LYS E 128 -8.35 52.79 16.79
N SER E 129 -9.46 52.08 16.99
CA SER E 129 -9.42 50.82 17.74
C SER E 129 -8.44 49.84 17.10
N ILE E 130 -8.44 49.80 15.77
CA ILE E 130 -7.55 48.90 15.04
C ILE E 130 -6.09 49.36 15.13
N VAL E 131 -5.86 50.64 14.86
CA VAL E 131 -4.50 51.18 14.92
C VAL E 131 -3.88 51.02 16.31
N ALA E 132 -4.66 51.30 17.35
CA ALA E 132 -4.18 51.19 18.71
C ALA E 132 -3.94 49.74 19.13
N GLU E 133 -4.75 48.84 18.60
CA GLU E 133 -4.63 47.43 18.92
C GLU E 133 -3.42 46.74 18.28
N PHE E 134 -3.16 47.05 17.02
CA PHE E 134 -2.06 46.40 16.31
C PHE E 134 -0.73 47.13 16.20
N LYS E 135 -0.56 48.16 17.01
CA LYS E 135 0.72 48.88 17.02
C LYS E 135 1.60 47.97 17.90
N GLN E 136 2.90 47.86 17.60
CA GLN E 136 3.54 48.55 16.50
C GLN E 136 4.85 47.82 16.20
N THR F 6 -0.42 34.82 -29.36
CA THR F 6 -0.49 33.60 -28.51
C THR F 6 -1.26 33.90 -27.22
N LEU F 7 -2.37 34.61 -27.36
CA LEU F 7 -3.21 34.97 -26.22
C LEU F 7 -4.41 34.01 -26.17
N PHE F 8 -4.48 33.21 -25.11
CA PHE F 8 -5.57 32.24 -24.99
C PHE F 8 -6.71 32.79 -24.13
N ARG F 9 -7.94 32.62 -24.61
CA ARG F 9 -9.11 33.11 -23.91
C ARG F 9 -9.98 31.95 -23.45
N TRP F 10 -10.48 32.03 -22.22
CA TRP F 10 -11.31 30.98 -21.65
C TRP F 10 -12.47 31.59 -20.87
N PRO F 11 -13.72 31.25 -21.26
CA PRO F 11 -14.91 31.77 -20.58
C PRO F 11 -15.20 31.02 -19.29
N VAL F 12 -15.71 31.73 -18.29
CA VAL F 12 -16.07 31.13 -17.01
C VAL F 12 -17.34 31.78 -16.46
N ARG F 13 -18.33 30.96 -16.13
CA ARG F 13 -19.56 31.46 -15.55
C ARG F 13 -19.46 31.36 -14.03
N VAL F 14 -19.91 32.41 -13.33
CA VAL F 14 -19.87 32.44 -11.87
C VAL F 14 -21.12 31.81 -11.28
N TYR F 15 -20.93 30.80 -10.43
CA TYR F 15 -22.03 30.09 -9.79
C TYR F 15 -22.00 30.37 -8.28
N TYR F 16 -23.07 30.00 -7.58
CA TYR F 16 -23.12 30.22 -6.13
C TYR F 16 -21.87 29.69 -5.42
N GLU F 17 -21.41 28.51 -5.83
CA GLU F 17 -20.23 27.90 -5.22
C GLU F 17 -19.01 28.85 -5.21
N ASP F 18 -18.98 29.80 -6.15
CA ASP F 18 -17.87 30.74 -6.28
C ASP F 18 -18.04 32.05 -5.52
N THR F 19 -19.25 32.32 -5.05
CA THR F 19 -19.52 33.57 -4.35
C THR F 19 -19.45 33.42 -2.83
N ASP F 20 -19.39 34.55 -2.12
CA ASP F 20 -19.39 34.50 -0.66
C ASP F 20 -20.50 35.42 -0.15
N ALA F 21 -20.67 35.46 1.17
CA ALA F 21 -21.72 36.26 1.79
C ALA F 21 -21.60 37.76 1.49
N GLY F 22 -20.44 38.17 0.98
CA GLY F 22 -20.25 39.57 0.64
C GLY F 22 -21.01 39.91 -0.63
N GLY F 23 -21.51 38.88 -1.29
CA GLY F 23 -22.25 39.07 -2.52
C GLY F 23 -21.39 39.17 -3.76
N VAL F 24 -20.12 38.76 -3.64
CA VAL F 24 -19.20 38.79 -4.76
C VAL F 24 -18.41 37.49 -4.80
N VAL F 25 -17.59 37.32 -5.82
CA VAL F 25 -16.79 36.10 -5.92
C VAL F 25 -15.69 36.08 -4.84
N TYR F 26 -15.56 34.94 -4.18
CA TYR F 26 -14.56 34.71 -3.13
C TYR F 26 -13.19 34.82 -3.81
N HIS F 27 -12.27 35.58 -3.22
CA HIS F 27 -10.97 35.78 -3.87
C HIS F 27 -10.21 34.51 -4.23
N ALA F 28 -10.41 33.43 -3.49
CA ALA F 28 -9.72 32.18 -3.79
C ALA F 28 -10.32 31.49 -5.01
N SER F 29 -11.59 31.78 -5.31
CA SER F 29 -12.25 31.19 -6.47
C SER F 29 -11.58 31.66 -7.76
N TYR F 30 -11.10 32.90 -7.78
CA TYR F 30 -10.43 33.43 -8.96
C TYR F 30 -9.18 32.62 -9.22
N VAL F 31 -8.49 32.24 -8.16
CA VAL F 31 -7.28 31.44 -8.29
C VAL F 31 -7.60 30.13 -9.01
N ALA F 32 -8.71 29.50 -8.66
CA ALA F 32 -9.11 28.27 -9.33
C ALA F 32 -9.41 28.57 -10.80
N PHE F 33 -10.07 29.71 -11.06
CA PHE F 33 -10.39 30.08 -12.45
C PHE F 33 -9.10 30.20 -13.27
N TYR F 34 -8.07 30.81 -12.70
CA TYR F 34 -6.80 30.95 -13.40
C TYR F 34 -6.20 29.59 -13.73
N GLU F 35 -6.32 28.65 -12.79
CA GLU F 35 -5.80 27.30 -12.99
C GLU F 35 -6.49 26.63 -14.17
N ARG F 36 -7.81 26.76 -14.24
CA ARG F 36 -8.56 26.16 -15.34
C ARG F 36 -8.07 26.69 -16.68
N ALA F 37 -7.89 28.01 -16.75
CA ALA F 37 -7.44 28.63 -18.00
C ALA F 37 -6.07 28.13 -18.43
N ARG F 38 -5.15 27.96 -17.49
CA ARG F 38 -3.82 27.46 -17.85
C ARG F 38 -3.97 26.02 -18.36
N THR F 39 -4.83 25.25 -17.69
CA THR F 39 -5.05 23.86 -18.10
C THR F 39 -5.64 23.83 -19.51
N GLU F 40 -6.58 24.73 -19.79
CA GLU F 40 -7.17 24.75 -21.11
C GLU F 40 -6.21 25.25 -22.18
N MET F 41 -5.31 26.17 -21.83
CA MET F 41 -4.36 26.67 -22.81
C MET F 41 -3.47 25.50 -23.22
N LEU F 42 -3.00 24.74 -22.23
CA LEU F 42 -2.16 23.59 -22.52
C LEU F 42 -2.92 22.55 -23.33
N ARG F 43 -4.19 22.32 -22.98
CA ARG F 43 -4.99 21.34 -23.72
C ARG F 43 -5.11 21.74 -25.18
N HIS F 44 -5.20 23.05 -25.43
CA HIS F 44 -5.33 23.58 -26.78
C HIS F 44 -4.13 23.17 -27.64
N HIS F 45 -2.98 22.99 -27.00
CA HIS F 45 -1.76 22.61 -27.69
C HIS F 45 -1.49 21.11 -27.56
N HIS F 46 -2.56 20.38 -27.26
CA HIS F 46 -2.51 18.93 -27.11
C HIS F 46 -1.75 18.45 -25.89
N PHE F 47 -1.50 19.39 -24.98
CA PHE F 47 -0.80 19.04 -23.75
C PHE F 47 -1.83 18.81 -22.68
N SER F 48 -2.62 17.76 -22.88
CA SER F 48 -3.65 17.35 -21.95
C SER F 48 -2.87 16.73 -20.79
N GLN F 49 -3.53 16.49 -19.67
CA GLN F 49 -2.81 15.91 -18.54
C GLN F 49 -2.21 14.55 -18.87
N GLN F 50 -2.96 13.69 -19.57
CA GLN F 50 -2.44 12.38 -19.91
C GLN F 50 -1.25 12.52 -20.86
N ALA F 51 -1.25 13.59 -21.63
CA ALA F 51 -0.15 13.86 -22.55
C ALA F 51 1.07 14.19 -21.70
N LEU F 52 0.86 14.98 -20.65
CA LEU F 52 1.94 15.37 -19.75
C LEU F 52 2.39 14.14 -18.96
N MET F 53 1.42 13.38 -18.47
CA MET F 53 1.72 12.17 -17.70
C MET F 53 2.57 11.22 -18.54
N ALA F 54 2.27 11.16 -19.83
CA ALA F 54 2.98 10.30 -20.77
C ALA F 54 4.47 10.64 -20.85
N GLU F 55 4.80 11.91 -20.65
CA GLU F 55 6.19 12.33 -20.67
C GLU F 55 6.71 12.45 -19.26
N ARG F 56 5.91 11.95 -18.32
CA ARG F 56 6.25 11.97 -16.90
C ARG F 56 6.52 13.39 -16.41
N VAL F 57 5.55 14.27 -16.62
CA VAL F 57 5.70 15.65 -16.18
C VAL F 57 4.43 16.17 -15.52
N ALA F 58 4.63 17.02 -14.51
CA ALA F 58 3.54 17.67 -13.80
C ALA F 58 4.00 19.11 -13.63
N PHE F 59 3.05 20.01 -13.41
CA PHE F 59 3.38 21.42 -13.23
C PHE F 59 2.82 21.90 -11.92
N VAL F 60 3.65 22.58 -11.13
CA VAL F 60 3.22 23.10 -9.85
C VAL F 60 3.48 24.60 -9.73
N VAL F 61 2.56 25.31 -9.09
CA VAL F 61 2.72 26.75 -8.90
C VAL F 61 3.75 26.95 -7.79
N ARG F 62 4.74 27.81 -8.04
CA ARG F 62 5.74 28.08 -7.02
C ARG F 62 5.72 29.55 -6.57
N LYS F 63 5.06 30.40 -7.35
CA LYS F 63 4.89 31.80 -6.99
C LYS F 63 3.68 32.35 -7.73
N MET F 64 2.83 33.06 -7.00
CA MET F 64 1.64 33.62 -7.63
C MET F 64 1.24 34.93 -6.96
N THR F 65 1.13 35.97 -7.78
CA THR F 65 0.72 37.28 -7.32
C THR F 65 -0.57 37.64 -8.04
N VAL F 66 -1.58 38.03 -7.28
CA VAL F 66 -2.84 38.43 -7.85
C VAL F 66 -3.20 39.84 -7.35
N GLU F 67 -3.59 40.70 -8.28
CA GLU F 67 -4.00 42.07 -7.96
C GLU F 67 -5.51 42.11 -8.21
N TYR F 68 -6.27 42.51 -7.20
CA TYR F 68 -7.72 42.57 -7.30
C TYR F 68 -8.21 44.02 -7.46
N TYR F 69 -8.91 44.30 -8.55
CA TYR F 69 -9.40 45.66 -8.83
C TYR F 69 -10.91 45.87 -8.68
N ALA F 70 -11.69 44.92 -9.18
CA ALA F 70 -13.14 45.02 -9.13
C ALA F 70 -13.73 43.62 -9.02
N PRO F 71 -14.91 43.50 -8.40
CA PRO F 71 -15.54 42.19 -8.24
C PRO F 71 -16.42 41.65 -9.35
N ALA F 72 -16.58 40.33 -9.33
CA ALA F 72 -17.46 39.64 -10.25
C ALA F 72 -18.60 39.21 -9.34
N ARG F 73 -19.80 39.06 -9.88
CA ARG F 73 -20.94 38.67 -9.08
C ARG F 73 -21.60 37.43 -9.65
N LEU F 74 -22.57 36.90 -8.91
CA LEU F 74 -23.32 35.71 -9.31
C LEU F 74 -23.83 35.82 -10.75
N ASP F 75 -23.58 34.76 -11.52
CA ASP F 75 -24.01 34.63 -12.90
C ASP F 75 -23.27 35.48 -13.94
N ASP F 76 -22.22 36.16 -13.53
CA ASP F 76 -21.45 36.94 -14.50
C ASP F 76 -20.73 35.94 -15.40
N MET F 77 -20.58 36.29 -16.68
CA MET F 77 -19.83 35.44 -17.59
C MET F 77 -18.51 36.18 -17.73
N LEU F 78 -17.44 35.54 -17.28
CA LEU F 78 -16.12 36.16 -17.32
C LEU F 78 -15.25 35.61 -18.43
N GLU F 79 -14.14 36.29 -18.68
CA GLU F 79 -13.18 35.81 -19.67
C GLU F 79 -11.81 35.84 -19.03
N ILE F 80 -11.14 34.69 -19.02
CA ILE F 80 -9.80 34.59 -18.48
C ILE F 80 -8.89 34.70 -19.69
N GLN F 81 -7.88 35.57 -19.61
CA GLN F 81 -6.94 35.74 -20.71
C GLN F 81 -5.58 35.23 -20.23
N THR F 82 -4.95 34.36 -21.02
CA THR F 82 -3.69 33.76 -20.59
C THR F 82 -2.61 33.80 -21.66
N GLU F 83 -1.37 33.99 -21.22
CA GLU F 83 -0.24 34.02 -22.13
C GLU F 83 1.00 33.55 -21.40
N ILE F 84 1.87 32.82 -22.09
CA ILE F 84 3.11 32.37 -21.49
C ILE F 84 4.08 33.48 -21.88
N THR F 85 4.53 34.25 -20.91
CA THR F 85 5.42 35.36 -21.18
C THR F 85 6.89 35.08 -20.93
N SER F 86 7.19 33.92 -20.37
CA SER F 86 8.57 33.55 -20.10
C SER F 86 8.71 32.04 -19.96
N MET F 87 9.83 31.51 -20.47
CA MET F 87 10.10 30.08 -20.38
C MET F 87 11.57 29.90 -20.11
N ARG F 88 11.89 29.02 -19.16
CA ARG F 88 13.27 28.73 -18.81
C ARG F 88 13.44 27.22 -18.80
N GLY F 89 14.62 26.75 -18.40
CA GLY F 89 14.88 25.32 -18.40
C GLY F 89 13.90 24.43 -17.67
N THR F 90 13.39 24.87 -16.53
CA THR F 90 12.47 24.05 -15.75
C THR F 90 11.16 24.76 -15.42
N SER F 91 10.95 25.95 -15.98
CA SER F 91 9.76 26.70 -15.61
C SER F 91 9.11 27.52 -16.71
N LEU F 92 7.89 27.99 -16.41
CA LEU F 92 7.12 28.81 -17.31
C LEU F 92 6.49 29.91 -16.47
N VAL F 93 6.35 31.09 -17.05
CA VAL F 93 5.70 32.18 -16.35
C VAL F 93 4.44 32.51 -17.16
N PHE F 94 3.29 32.47 -16.49
CA PHE F 94 2.01 32.77 -17.12
C PHE F 94 1.54 34.13 -16.65
N THR F 95 1.09 34.95 -17.59
CA THR F 95 0.55 36.27 -17.28
C THR F 95 -0.93 36.11 -17.60
N GLN F 96 -1.78 36.35 -16.60
CA GLN F 96 -3.21 36.16 -16.78
C GLN F 96 -4.03 37.34 -16.27
N ARG F 97 -5.23 37.48 -16.83
CA ARG F 97 -6.14 38.55 -16.42
C ARG F 97 -7.58 38.08 -16.57
N ILE F 98 -8.46 38.67 -15.77
CA ILE F 98 -9.87 38.35 -15.80
C ILE F 98 -10.66 39.62 -16.05
N VAL F 99 -11.51 39.60 -17.07
CA VAL F 99 -12.35 40.74 -17.41
C VAL F 99 -13.78 40.24 -17.42
N ASN F 100 -14.74 41.14 -17.23
CA ASN F 100 -16.14 40.73 -17.26
C ASN F 100 -16.73 41.04 -18.63
N ALA F 101 -18.04 40.83 -18.78
CA ALA F 101 -18.74 41.05 -20.03
C ALA F 101 -18.61 42.46 -20.60
N GLU F 102 -18.41 43.45 -19.73
CA GLU F 102 -18.25 44.84 -20.18
C GLU F 102 -16.78 45.17 -20.41
N ASN F 103 -15.94 44.16 -20.30
CA ASN F 103 -14.49 44.31 -20.48
C ASN F 103 -13.83 45.08 -19.36
N THR F 104 -14.43 45.03 -18.17
CA THR F 104 -13.85 45.70 -17.01
C THR F 104 -12.79 44.74 -16.47
N LEU F 105 -11.60 45.25 -16.23
CA LEU F 105 -10.51 44.43 -15.68
C LEU F 105 -10.81 44.19 -14.20
N LEU F 106 -11.12 42.95 -13.86
CA LEU F 106 -11.43 42.60 -12.47
C LEU F 106 -10.18 42.32 -11.66
N ASN F 107 -9.24 41.57 -12.24
CA ASN F 107 -7.99 41.27 -11.57
C ASN F 107 -6.99 40.66 -12.53
N GLU F 108 -5.73 40.55 -12.10
CA GLU F 108 -4.72 39.95 -12.95
C GLU F 108 -3.73 39.20 -12.10
N ALA F 109 -3.01 38.28 -12.74
CA ALA F 109 -2.07 37.47 -12.00
C ALA F 109 -0.83 37.15 -12.80
N GLU F 110 0.25 36.89 -12.06
CA GLU F 110 1.53 36.49 -12.63
C GLU F 110 1.80 35.18 -11.92
N VAL F 111 1.96 34.11 -12.69
CA VAL F 111 2.16 32.78 -12.11
C VAL F 111 3.42 32.06 -12.57
N LEU F 112 4.27 31.69 -11.62
CA LEU F 112 5.49 30.96 -11.94
C LEU F 112 5.20 29.49 -11.68
N VAL F 113 5.32 28.67 -12.71
CA VAL F 113 5.07 27.24 -12.57
C VAL F 113 6.34 26.47 -12.90
N VAL F 114 6.63 25.46 -12.09
CA VAL F 114 7.82 24.65 -12.30
C VAL F 114 7.47 23.23 -12.72
N CYS F 115 8.29 22.67 -13.61
CA CYS F 115 8.08 21.32 -14.10
C CYS F 115 8.68 20.36 -13.06
N VAL F 116 7.89 19.38 -12.65
CA VAL F 116 8.34 18.40 -11.66
C VAL F 116 7.91 17.01 -12.07
N ASP F 117 8.53 15.98 -11.51
CA ASP F 117 8.13 14.63 -11.86
C ASP F 117 6.90 14.30 -11.03
N PRO F 118 5.88 13.71 -11.67
CA PRO F 118 4.63 13.33 -11.01
C PRO F 118 4.86 12.48 -9.77
N LEU F 119 5.83 11.57 -9.86
CA LEU F 119 6.15 10.68 -8.74
C LEU F 119 6.14 11.48 -7.43
N LYS F 120 6.90 12.57 -7.36
CA LYS F 120 6.87 13.39 -6.15
C LYS F 120 7.47 14.80 -6.17
N MET F 121 6.70 15.72 -6.74
CA MET F 121 7.02 17.15 -6.85
C MET F 121 8.47 17.60 -6.93
N LYS F 122 9.37 16.81 -7.49
CA LYS F 122 10.77 17.23 -7.60
C LYS F 122 11.08 17.82 -8.97
N PRO F 123 11.82 18.95 -9.01
CA PRO F 123 12.20 19.67 -10.23
C PRO F 123 12.80 18.82 -11.34
N ARG F 124 12.46 19.16 -12.58
CA ARG F 124 12.99 18.48 -13.76
C ARG F 124 12.90 19.41 -14.96
N ALA F 125 13.72 19.15 -15.97
CA ALA F 125 13.73 19.98 -17.16
C ALA F 125 12.43 19.82 -17.95
N LEU F 126 12.02 20.89 -18.63
CA LEU F 126 10.81 20.86 -19.45
C LEU F 126 10.99 19.83 -20.55
N PRO F 127 9.90 19.13 -20.92
CA PRO F 127 9.97 18.12 -21.98
C PRO F 127 10.36 18.82 -23.28
N LYS F 128 11.07 18.12 -24.15
CA LYS F 128 11.48 18.74 -25.42
C LYS F 128 10.26 19.16 -26.24
N SER F 129 9.14 18.47 -26.03
CA SER F 129 7.90 18.77 -26.73
C SER F 129 7.36 20.14 -26.37
N ILE F 130 7.37 20.45 -25.07
CA ILE F 130 6.88 21.73 -24.59
C ILE F 130 7.82 22.84 -25.03
N VAL F 131 9.12 22.57 -24.97
CA VAL F 131 10.12 23.57 -25.37
C VAL F 131 9.97 23.91 -26.85
N ALA F 132 9.58 22.92 -27.65
CA ALA F 132 9.40 23.09 -29.09
C ALA F 132 8.13 23.85 -29.44
N GLU F 133 7.05 23.55 -28.71
CA GLU F 133 5.75 24.18 -28.96
C GLU F 133 5.70 25.64 -28.57
N PHE F 134 6.11 25.96 -27.35
CA PHE F 134 6.09 27.34 -26.89
C PHE F 134 7.46 28.01 -27.04
N LYS F 135 8.11 27.74 -28.16
CA LYS F 135 9.42 28.31 -28.45
C LYS F 135 9.29 29.75 -28.95
N THR G 5 -40.49 17.25 -18.21
CA THR G 5 -39.78 18.27 -19.05
C THR G 5 -38.76 17.57 -19.94
N THR G 6 -38.27 18.27 -20.95
CA THR G 6 -37.27 17.71 -21.83
C THR G 6 -36.00 17.59 -21.01
N LEU G 7 -35.19 16.57 -21.28
CA LEU G 7 -33.96 16.38 -20.53
C LEU G 7 -32.93 17.42 -20.93
N PHE G 8 -32.46 18.18 -19.95
CA PHE G 8 -31.46 19.21 -20.21
C PHE G 8 -30.08 18.64 -19.89
N ARG G 9 -29.14 18.81 -20.81
CA ARG G 9 -27.77 18.32 -20.64
C ARG G 9 -26.78 19.46 -20.47
N TRP G 10 -25.89 19.32 -19.48
CA TRP G 10 -24.87 20.34 -19.20
C TRP G 10 -23.49 19.69 -19.09
N PRO G 11 -22.54 20.12 -19.94
CA PRO G 11 -21.19 19.57 -19.92
C PRO G 11 -20.33 20.17 -18.81
N VAL G 12 -19.51 19.34 -18.16
CA VAL G 12 -18.63 19.82 -17.10
C VAL G 12 -17.26 19.14 -17.20
N ARG G 13 -16.20 19.94 -17.27
CA ARG G 13 -14.86 19.40 -17.34
C ARG G 13 -14.33 19.28 -15.91
N VAL G 14 -13.64 18.17 -15.62
CA VAL G 14 -13.07 17.95 -14.29
C VAL G 14 -11.67 18.55 -14.21
N TYR G 15 -11.46 19.43 -13.23
CA TYR G 15 -10.17 20.08 -13.04
C TYR G 15 -9.56 19.64 -11.70
N TYR G 16 -8.31 19.99 -11.46
CA TYR G 16 -7.64 19.62 -10.20
C TYR G 16 -8.45 20.01 -8.97
N GLU G 17 -9.06 21.19 -9.03
CA GLU G 17 -9.86 21.71 -7.91
C GLU G 17 -11.00 20.76 -7.50
N ASP G 18 -11.44 19.92 -8.44
CA ASP G 18 -12.56 19.00 -8.20
C ASP G 18 -12.13 17.63 -7.67
N THR G 19 -10.85 17.31 -7.86
CA THR G 19 -10.31 16.02 -7.45
C THR G 19 -9.76 16.05 -6.04
N ASP G 20 -9.52 14.86 -5.47
CA ASP G 20 -8.90 14.76 -4.16
C ASP G 20 -7.73 13.77 -4.25
N ALA G 21 -7.01 13.60 -3.14
CA ALA G 21 -5.84 12.73 -3.09
C ALA G 21 -6.10 11.29 -3.51
N GLY G 22 -7.36 10.88 -3.53
CA GLY G 22 -7.70 9.52 -3.93
C GLY G 22 -7.58 9.33 -5.44
N GLY G 23 -7.34 10.43 -6.15
CA GLY G 23 -7.20 10.38 -7.58
C GLY G 23 -8.50 10.48 -8.36
N VAL G 24 -9.58 10.77 -7.66
CA VAL G 24 -10.90 10.90 -8.30
C VAL G 24 -11.60 12.17 -7.82
N VAL G 25 -12.76 12.46 -8.40
CA VAL G 25 -13.53 13.64 -8.02
C VAL G 25 -14.08 13.48 -6.59
N TYR G 26 -13.90 14.52 -5.78
CA TYR G 26 -14.36 14.57 -4.39
C TYR G 26 -15.90 14.54 -4.41
N HIS G 27 -16.51 13.72 -3.55
CA HIS G 27 -17.97 13.63 -3.60
C HIS G 27 -18.77 14.93 -3.48
N ALA G 28 -18.27 15.90 -2.73
CA ALA G 28 -18.97 17.18 -2.60
C ALA G 28 -18.87 17.99 -3.88
N SER G 29 -17.88 17.69 -4.71
CA SER G 29 -17.74 18.41 -5.97
C SER G 29 -18.91 18.09 -6.89
N TYR G 30 -19.37 16.85 -6.86
CA TYR G 30 -20.50 16.46 -7.70
C TYR G 30 -21.73 17.26 -7.29
N VAL G 31 -21.89 17.48 -5.99
CA VAL G 31 -23.04 18.24 -5.51
C VAL G 31 -23.02 19.63 -6.14
N ALA G 32 -21.84 20.23 -6.26
CA ALA G 32 -21.74 21.55 -6.87
C ALA G 32 -22.09 21.46 -8.36
N PHE G 33 -21.62 20.41 -9.03
CA PHE G 33 -21.92 20.24 -10.45
C PHE G 33 -23.44 20.18 -10.65
N TYR G 34 -24.12 19.46 -9.77
CA TYR G 34 -25.57 19.36 -9.88
C TYR G 34 -26.22 20.74 -9.78
N GLU G 35 -25.70 21.58 -8.89
CA GLU G 35 -26.26 22.93 -8.73
C GLU G 35 -26.06 23.75 -10.01
N ARG G 36 -24.89 23.64 -10.62
CA ARG G 36 -24.64 24.38 -11.86
C ARG G 36 -25.65 23.97 -12.93
N ALA G 37 -25.90 22.67 -13.04
CA ALA G 37 -26.84 22.14 -14.02
C ALA G 37 -28.26 22.64 -13.79
N ARG G 38 -28.69 22.71 -12.52
CA ARG G 38 -30.04 23.20 -12.24
C ARG G 38 -30.11 24.65 -12.68
N THR G 39 -29.07 25.41 -12.34
CA THR G 39 -28.99 26.82 -12.73
C THR G 39 -29.04 26.99 -14.24
N GLU G 40 -28.29 26.17 -14.97
CA GLU G 40 -28.28 26.26 -16.43
C GLU G 40 -29.58 25.77 -17.06
N MET G 41 -30.25 24.82 -16.41
CA MET G 41 -31.51 24.32 -16.94
C MET G 41 -32.51 25.46 -16.85
N LEU G 42 -32.52 26.14 -15.71
CA LEU G 42 -33.43 27.26 -15.51
C LEU G 42 -33.16 28.38 -16.51
N ARG G 43 -31.88 28.63 -16.79
CA ARG G 43 -31.51 29.66 -17.75
C ARG G 43 -32.06 29.25 -19.10
N HIS G 44 -31.95 27.96 -19.41
CA HIS G 44 -32.43 27.41 -20.67
C HIS G 44 -33.93 27.65 -20.80
N HIS G 45 -34.64 27.58 -19.68
CA HIS G 45 -36.08 27.81 -19.70
C HIS G 45 -36.46 29.25 -19.39
N HIS G 46 -35.53 30.16 -19.72
CA HIS G 46 -35.71 31.60 -19.56
C HIS G 46 -35.77 32.15 -18.14
N PHE G 47 -35.05 31.52 -17.23
CA PHE G 47 -35.02 31.99 -15.86
C PHE G 47 -33.60 32.06 -15.34
N SER G 48 -32.87 33.04 -15.85
CA SER G 48 -31.49 33.28 -15.45
C SER G 48 -31.60 33.85 -14.03
N GLN G 49 -30.47 34.02 -13.34
CA GLN G 49 -30.52 34.55 -11.99
C GLN G 49 -31.15 35.94 -12.00
N GLN G 50 -30.89 36.69 -13.07
CA GLN G 50 -31.44 38.04 -13.25
C GLN G 50 -32.97 37.99 -13.25
N ALA G 51 -33.52 37.08 -14.03
CA ALA G 51 -34.97 36.91 -14.13
C ALA G 51 -35.54 36.51 -12.78
N LEU G 52 -34.83 35.62 -12.10
CA LEU G 52 -35.26 35.15 -10.79
C LEU G 52 -35.32 36.28 -9.78
N MET G 53 -34.29 37.12 -9.77
CA MET G 53 -34.24 38.25 -8.85
C MET G 53 -35.36 39.23 -9.19
N ALA G 54 -35.71 39.30 -10.46
CA ALA G 54 -36.79 40.18 -10.92
C ALA G 54 -38.11 39.71 -10.31
N GLU G 55 -38.27 38.40 -10.21
CA GLU G 55 -39.48 37.81 -9.63
C GLU G 55 -39.36 37.86 -8.10
N ARG G 56 -38.21 38.32 -7.63
CA ARG G 56 -37.92 38.42 -6.20
C ARG G 56 -38.01 37.05 -5.53
N VAL G 57 -37.46 36.04 -6.19
CA VAL G 57 -37.47 34.69 -5.66
C VAL G 57 -36.08 34.07 -5.67
N ALA G 58 -35.90 33.05 -4.84
CA ALA G 58 -34.63 32.33 -4.76
C ALA G 58 -34.99 30.88 -4.47
N PHE G 59 -34.07 29.98 -4.75
CA PHE G 59 -34.33 28.57 -4.50
C PHE G 59 -33.32 28.00 -3.51
N VAL G 60 -33.82 27.20 -2.58
CA VAL G 60 -32.94 26.58 -1.59
C VAL G 60 -33.19 25.09 -1.59
N VAL G 61 -32.15 24.32 -1.31
CA VAL G 61 -32.26 22.87 -1.28
C VAL G 61 -32.83 22.43 0.07
N ARG G 62 -33.97 21.73 0.01
CA ARG G 62 -34.63 21.23 1.21
C ARG G 62 -34.22 19.80 1.53
N LYS G 63 -34.08 18.99 0.48
CA LYS G 63 -33.67 17.60 0.67
C LYS G 63 -32.93 17.13 -0.57
N MET G 64 -31.84 16.39 -0.37
CA MET G 64 -31.08 15.91 -1.50
C MET G 64 -30.52 14.52 -1.22
N THR G 65 -30.68 13.62 -2.18
CA THR G 65 -30.17 12.26 -2.05
C THR G 65 -29.29 11.99 -3.26
N VAL G 66 -28.10 11.48 -3.00
CA VAL G 66 -27.18 11.17 -4.09
C VAL G 66 -26.66 9.75 -3.92
N GLU G 67 -26.67 8.98 -5.01
CA GLU G 67 -26.16 7.62 -5.02
C GLU G 67 -24.95 7.62 -5.94
N TYR G 68 -23.83 7.11 -5.44
CA TYR G 68 -22.56 7.08 -6.18
C TYR G 68 -22.24 5.68 -6.69
N TYR G 69 -21.96 5.56 -7.98
CA TYR G 69 -21.67 4.27 -8.60
C TYR G 69 -20.27 4.08 -9.17
N ALA G 70 -19.79 5.10 -9.87
CA ALA G 70 -18.47 5.04 -10.49
C ALA G 70 -17.80 6.40 -10.42
N PRO G 71 -16.46 6.43 -10.42
CA PRO G 71 -15.72 7.69 -10.32
C PRO G 71 -15.43 8.44 -11.62
N ALA G 72 -15.12 9.71 -11.46
CA ALA G 72 -14.74 10.59 -12.55
C ALA G 72 -13.30 10.97 -12.21
N ARG G 73 -12.49 11.27 -13.22
CA ARG G 73 -11.10 11.63 -12.95
C ARG G 73 -10.69 12.93 -13.62
N LEU G 74 -9.51 13.41 -13.25
CA LEU G 74 -8.97 14.63 -13.81
C LEU G 74 -9.07 14.58 -15.33
N ASP G 75 -9.50 15.68 -15.94
CA ASP G 75 -9.64 15.79 -17.39
C ASP G 75 -10.88 15.19 -18.04
N ASP G 76 -11.66 14.41 -17.28
CA ASP G 76 -12.87 13.82 -17.87
C ASP G 76 -13.87 14.91 -18.25
N MET G 77 -14.55 14.75 -19.38
CA MET G 77 -15.60 15.70 -19.74
C MET G 77 -16.86 14.94 -19.37
N LEU G 78 -17.60 15.49 -18.42
CA LEU G 78 -18.83 14.85 -17.96
C LEU G 78 -20.05 15.54 -18.53
N GLU G 79 -21.20 14.91 -18.32
CA GLU G 79 -22.46 15.48 -18.75
C GLU G 79 -23.44 15.34 -17.59
N ILE G 80 -23.99 16.46 -17.15
CA ILE G 80 -24.97 16.43 -16.07
C ILE G 80 -26.31 16.47 -16.78
N GLN G 81 -27.20 15.55 -16.42
CA GLN G 81 -28.53 15.49 -17.03
C GLN G 81 -29.54 15.94 -15.99
N THR G 82 -30.42 16.85 -16.38
CA THR G 82 -31.40 17.41 -15.43
C THR G 82 -32.81 17.52 -16.00
N GLU G 83 -33.79 17.23 -15.15
CA GLU G 83 -35.19 17.33 -15.52
C GLU G 83 -36.01 17.56 -14.25
N ILE G 84 -37.12 18.26 -14.39
CA ILE G 84 -38.01 18.50 -13.27
C ILE G 84 -39.06 17.41 -13.36
N THR G 85 -39.22 16.64 -12.28
CA THR G 85 -40.15 15.54 -12.28
C THR G 85 -41.39 15.77 -11.43
N SER G 86 -41.38 16.82 -10.62
CA SER G 86 -42.52 17.14 -9.77
C SER G 86 -42.53 18.63 -9.46
N MET G 87 -43.72 19.19 -9.30
CA MET G 87 -43.87 20.61 -8.99
C MET G 87 -45.13 20.82 -8.16
N ARG G 88 -44.98 21.37 -6.97
CA ARG G 88 -46.11 21.65 -6.10
C ARG G 88 -46.25 23.15 -5.91
N GLY G 89 -46.93 23.56 -4.84
CA GLY G 89 -47.13 24.97 -4.59
C GLY G 89 -45.88 25.81 -4.40
N THR G 90 -44.96 25.36 -3.55
CA THR G 90 -43.76 26.12 -3.28
C THR G 90 -42.46 25.37 -3.55
N SER G 91 -42.55 24.20 -4.17
CA SER G 91 -41.34 23.43 -4.43
C SER G 91 -41.37 22.62 -5.72
N LEU G 92 -40.20 22.14 -6.10
CA LEU G 92 -40.06 21.34 -7.29
C LEU G 92 -38.99 20.28 -7.05
N VAL G 93 -39.14 19.14 -7.69
CA VAL G 93 -38.16 18.07 -7.54
C VAL G 93 -37.38 17.93 -8.83
N PHE G 94 -36.06 17.97 -8.70
CA PHE G 94 -35.16 17.83 -9.84
C PHE G 94 -34.58 16.42 -9.79
N THR G 95 -34.66 15.71 -10.91
CA THR G 95 -34.08 14.37 -10.99
C THR G 95 -32.84 14.57 -11.88
N GLN G 96 -31.67 14.28 -11.34
CA GLN G 96 -30.44 14.50 -12.07
C GLN G 96 -29.51 13.29 -12.05
N ARG G 97 -28.58 13.25 -12.99
CA ARG G 97 -27.60 12.19 -13.02
C ARG G 97 -26.35 12.69 -13.71
N ILE G 98 -25.23 12.06 -13.40
CA ILE G 98 -23.96 12.46 -14.00
C ILE G 98 -23.36 11.26 -14.71
N VAL G 99 -22.98 11.46 -15.96
CA VAL G 99 -22.38 10.39 -16.76
C VAL G 99 -21.10 10.89 -17.41
N ASN G 100 -20.25 9.98 -17.88
CA ASN G 100 -19.04 10.40 -18.56
C ASN G 100 -19.24 10.31 -20.08
N ALA G 101 -18.19 10.53 -20.85
CA ALA G 101 -18.28 10.53 -22.30
C ALA G 101 -18.73 9.22 -22.97
N GLU G 102 -18.80 8.13 -22.19
CA GLU G 102 -19.24 6.84 -22.73
C GLU G 102 -20.63 6.53 -22.21
N ASN G 103 -21.17 7.49 -21.45
CA ASN G 103 -22.49 7.40 -20.84
C ASN G 103 -22.56 6.43 -19.68
N THR G 104 -21.42 6.14 -19.08
CA THR G 104 -21.38 5.29 -17.90
C THR G 104 -22.01 6.14 -16.80
N LEU G 105 -22.87 5.55 -15.98
CA LEU G 105 -23.52 6.29 -14.90
C LEU G 105 -22.58 6.42 -13.70
N LEU G 106 -22.16 7.65 -13.40
CA LEU G 106 -21.27 7.86 -12.26
C LEU G 106 -22.05 8.00 -10.96
N ASN G 107 -23.13 8.78 -10.99
CA ASN G 107 -23.98 8.96 -9.83
C ASN G 107 -25.30 9.61 -10.22
N GLU G 108 -26.29 9.54 -9.33
CA GLU G 108 -27.60 10.13 -9.60
C GLU G 108 -28.10 10.80 -8.34
N ALA G 109 -28.97 11.80 -8.51
CA ALA G 109 -29.49 12.53 -7.38
C ALA G 109 -30.95 12.93 -7.55
N GLU G 110 -31.62 13.13 -6.43
CA GLU G 110 -33.00 13.61 -6.42
C GLU G 110 -32.91 14.78 -5.47
N VAL G 111 -33.27 15.96 -5.97
CA VAL G 111 -33.17 17.18 -5.18
C VAL G 111 -34.50 17.93 -5.04
N LEU G 112 -34.96 18.06 -3.81
CA LEU G 112 -36.19 18.79 -3.52
C LEU G 112 -35.78 20.24 -3.28
N VAL G 113 -36.26 21.13 -4.13
CA VAL G 113 -35.94 22.54 -4.04
C VAL G 113 -37.17 23.36 -3.66
N VAL G 114 -36.99 24.30 -2.74
CA VAL G 114 -38.10 25.15 -2.31
C VAL G 114 -37.90 26.61 -2.72
N CYS G 115 -38.99 27.23 -3.15
CA CYS G 115 -38.96 28.63 -3.56
C CYS G 115 -39.13 29.48 -2.31
N VAL G 116 -38.24 30.47 -2.14
CA VAL G 116 -38.30 31.34 -0.96
C VAL G 116 -38.09 32.82 -1.31
N ASP G 117 -38.40 33.69 -0.35
CA ASP G 117 -38.21 35.12 -0.54
C ASP G 117 -36.75 35.38 -0.13
N PRO G 118 -36.02 36.17 -0.93
CA PRO G 118 -34.61 36.49 -0.67
C PRO G 118 -34.27 37.08 0.69
N LEU G 119 -35.11 37.98 1.18
CA LEU G 119 -34.85 38.64 2.47
C LEU G 119 -34.81 37.71 3.69
N LYS G 120 -35.96 37.12 4.04
CA LYS G 120 -36.02 36.23 5.20
C LYS G 120 -35.92 34.76 4.80
N MET G 121 -35.69 34.52 3.51
CA MET G 121 -35.58 33.17 2.97
C MET G 121 -36.61 32.19 3.55
N LYS G 122 -37.88 32.56 3.48
CA LYS G 122 -38.97 31.70 3.96
C LYS G 122 -39.80 31.25 2.75
N PRO G 123 -40.44 30.08 2.84
CA PRO G 123 -41.26 29.51 1.78
C PRO G 123 -42.32 30.43 1.15
N ARG G 124 -42.38 30.42 -0.17
CA ARG G 124 -43.37 31.20 -0.93
C ARG G 124 -43.73 30.40 -2.17
N ALA G 125 -44.92 30.67 -2.72
CA ALA G 125 -45.38 29.96 -3.92
C ALA G 125 -44.54 30.30 -5.14
N LEU G 126 -44.45 29.34 -6.05
CA LEU G 126 -43.70 29.51 -7.29
C LEU G 126 -44.33 30.61 -8.12
N PRO G 127 -43.50 31.43 -8.78
CA PRO G 127 -44.04 32.51 -9.62
C PRO G 127 -44.83 31.90 -10.78
N LYS G 128 -45.97 32.49 -11.09
CA LYS G 128 -46.81 31.98 -12.18
C LYS G 128 -46.01 31.83 -13.47
N SER G 129 -45.06 32.73 -13.70
CA SER G 129 -44.24 32.69 -14.90
C SER G 129 -43.45 31.39 -15.01
N ILE G 130 -43.03 30.86 -13.86
CA ILE G 130 -42.28 29.61 -13.83
C ILE G 130 -43.25 28.44 -13.96
N VAL G 131 -44.38 28.54 -13.27
CA VAL G 131 -45.39 27.48 -13.32
C VAL G 131 -45.87 27.36 -14.77
N ALA G 132 -46.05 28.50 -15.42
CA ALA G 132 -46.52 28.53 -16.81
C ALA G 132 -45.44 28.03 -17.76
N GLU G 133 -44.17 28.29 -17.42
CA GLU G 133 -43.06 27.85 -18.24
C GLU G 133 -42.98 26.33 -18.30
N PHE G 134 -43.28 25.67 -17.19
CA PHE G 134 -43.24 24.22 -17.13
C PHE G 134 -44.64 23.61 -17.12
N THR H 5 -20.07 4.02 19.25
CA THR H 5 -21.44 4.10 19.84
C THR H 5 -21.73 5.48 20.42
N THR H 6 -20.82 5.99 21.25
CA THR H 6 -21.02 7.30 21.85
C THR H 6 -20.98 8.36 20.75
N LEU H 7 -21.89 9.32 20.84
CA LEU H 7 -21.97 10.39 19.86
C LEU H 7 -20.66 11.16 19.84
N PHE H 8 -20.12 11.42 18.65
CA PHE H 8 -18.89 12.17 18.51
C PHE H 8 -19.21 13.59 18.03
N ARG H 9 -18.71 14.58 18.75
CA ARG H 9 -18.95 15.98 18.42
C ARG H 9 -17.71 16.64 17.83
N TRP H 10 -17.90 17.38 16.75
CA TRP H 10 -16.81 18.07 16.08
C TRP H 10 -17.20 19.51 15.79
N PRO H 11 -16.44 20.47 16.33
CA PRO H 11 -16.72 21.89 16.12
C PRO H 11 -16.20 22.36 14.77
N VAL H 12 -16.98 23.24 14.12
CA VAL H 12 -16.61 23.80 12.82
C VAL H 12 -17.01 25.27 12.77
N ARG H 13 -16.05 26.13 12.48
CA ARG H 13 -16.31 27.57 12.37
C ARG H 13 -16.62 27.87 10.91
N VAL H 14 -17.62 28.73 10.67
CA VAL H 14 -18.00 29.11 9.30
C VAL H 14 -17.19 30.31 8.82
N TYR H 15 -16.52 30.15 7.68
CA TYR H 15 -15.72 31.22 7.10
C TYR H 15 -16.33 31.66 5.78
N TYR H 16 -15.83 32.76 5.23
CA TYR H 16 -16.36 33.29 3.98
C TYR H 16 -16.37 32.21 2.89
N GLU H 17 -15.34 31.36 2.88
CA GLU H 17 -15.24 30.29 1.88
C GLU H 17 -16.43 29.32 1.89
N ASP H 18 -17.11 29.23 3.03
CA ASP H 18 -18.25 28.32 3.20
C ASP H 18 -19.59 28.94 2.84
N THR H 19 -19.62 30.26 2.77
CA THR H 19 -20.86 30.98 2.48
C THR H 19 -21.04 31.28 1.00
N ASP H 20 -22.26 31.67 0.61
CA ASP H 20 -22.52 32.06 -0.77
C ASP H 20 -23.25 33.41 -0.78
N ALA H 21 -23.52 33.93 -1.98
CA ALA H 21 -24.17 35.23 -2.15
C ALA H 21 -25.51 35.36 -1.43
N GLY H 22 -26.12 34.23 -1.11
CA GLY H 22 -27.40 34.27 -0.40
C GLY H 22 -27.25 34.66 1.05
N GLY H 23 -26.01 34.83 1.50
CA GLY H 23 -25.75 35.22 2.87
C GLY H 23 -25.71 34.10 3.89
N VAL H 24 -25.74 32.85 3.43
CA VAL H 24 -25.71 31.69 4.31
C VAL H 24 -24.70 30.66 3.80
N VAL H 25 -24.54 29.57 4.54
CA VAL H 25 -23.62 28.53 4.11
C VAL H 25 -24.15 27.80 2.89
N TYR H 26 -23.28 27.61 1.90
CA TYR H 26 -23.59 26.93 0.64
C TYR H 26 -23.92 25.47 0.98
N HIS H 27 -24.98 24.91 0.39
CA HIS H 27 -25.36 23.54 0.77
C HIS H 27 -24.29 22.47 0.61
N ALA H 28 -23.39 22.63 -0.35
CA ALA H 28 -22.34 21.62 -0.54
C ALA H 28 -21.25 21.75 0.53
N SER H 29 -21.17 22.90 1.18
CA SER H 29 -20.18 23.10 2.23
C SER H 29 -20.49 22.19 3.42
N TYR H 30 -21.77 22.02 3.73
CA TYR H 30 -22.17 21.14 4.83
C TYR H 30 -21.70 19.72 4.53
N VAL H 31 -21.79 19.32 3.28
CA VAL H 31 -21.36 17.97 2.90
C VAL H 31 -19.88 17.79 3.26
N ALA H 32 -19.06 18.81 3.01
CA ALA H 32 -17.64 18.70 3.36
C ALA H 32 -17.48 18.66 4.89
N PHE H 33 -18.29 19.44 5.61
CA PHE H 33 -18.24 19.44 7.08
C PHE H 33 -18.52 18.04 7.60
N TYR H 34 -19.51 17.37 7.03
CA TYR H 34 -19.85 16.01 7.45
C TYR H 34 -18.69 15.07 7.26
N GLU H 35 -17.98 15.21 6.14
CA GLU H 35 -16.82 14.36 5.85
C GLU H 35 -15.72 14.60 6.91
N ARG H 36 -15.48 15.86 7.25
CA ARG H 36 -14.47 16.17 8.26
C ARG H 36 -14.79 15.47 9.56
N ALA H 37 -16.05 15.54 9.96
CA ALA H 37 -16.50 14.92 11.21
C ALA H 37 -16.31 13.41 11.19
N ARG H 38 -16.59 12.76 10.07
CA ARG H 38 -16.40 11.31 9.99
C ARG H 38 -14.90 10.99 10.12
N THR H 39 -14.06 11.80 9.48
CA THR H 39 -12.62 11.61 9.56
C THR H 39 -12.15 11.78 11.01
N GLU H 40 -12.66 12.79 11.69
CA GLU H 40 -12.26 13.03 13.07
C GLU H 40 -12.80 11.98 14.05
N MET H 41 -13.98 11.44 13.76
CA MET H 41 -14.55 10.43 14.63
C MET H 41 -13.66 9.19 14.52
N LEU H 42 -13.19 8.88 13.31
CA LEU H 42 -12.31 7.73 13.13
C LEU H 42 -10.96 8.00 13.82
N ARG H 43 -10.48 9.25 13.76
CA ARG H 43 -9.21 9.59 14.40
C ARG H 43 -9.35 9.40 15.91
N HIS H 44 -10.49 9.81 16.46
CA HIS H 44 -10.77 9.68 17.88
C HIS H 44 -10.73 8.21 18.28
N HIS H 45 -11.20 7.36 17.37
CA HIS H 45 -11.24 5.93 17.61
C HIS H 45 -9.99 5.19 17.13
N HIS H 46 -8.88 5.92 17.05
CA HIS H 46 -7.59 5.37 16.68
C HIS H 46 -7.40 4.94 15.23
N PHE H 47 -8.02 5.68 14.32
CA PHE H 47 -7.89 5.39 12.91
C PHE H 47 -7.68 6.65 12.09
N SER H 48 -6.51 7.25 12.27
CA SER H 48 -6.14 8.44 11.54
C SER H 48 -5.99 7.98 10.10
N GLN H 49 -5.81 8.91 9.18
CA GLN H 49 -5.66 8.52 7.78
C GLN H 49 -4.43 7.63 7.60
N GLN H 50 -3.34 7.96 8.29
CA GLN H 50 -2.12 7.17 8.20
C GLN H 50 -2.36 5.76 8.71
N ALA H 51 -3.22 5.63 9.71
CA ALA H 51 -3.54 4.32 10.27
C ALA H 51 -4.34 3.50 9.25
N LEU H 52 -5.30 4.15 8.59
CA LEU H 52 -6.13 3.48 7.60
C LEU H 52 -5.28 3.03 6.41
N MET H 53 -4.36 3.89 5.98
CA MET H 53 -3.49 3.56 4.86
C MET H 53 -2.67 2.31 5.17
N ALA H 54 -2.19 2.23 6.41
CA ALA H 54 -1.39 1.07 6.83
C ALA H 54 -2.23 -0.19 6.72
N GLU H 55 -3.53 -0.05 6.93
CA GLU H 55 -4.47 -1.16 6.84
C GLU H 55 -4.90 -1.39 5.39
N ARG H 56 -4.36 -0.57 4.49
CA ARG H 56 -4.69 -0.65 3.07
C ARG H 56 -6.20 -0.55 2.90
N VAL H 57 -6.78 0.46 3.56
CA VAL H 57 -8.21 0.69 3.49
C VAL H 57 -8.54 2.15 3.20
N ALA H 58 -9.62 2.36 2.46
CA ALA H 58 -10.10 3.68 2.11
C ALA H 58 -11.62 3.60 2.20
N PHE H 59 -12.27 4.74 2.41
CA PHE H 59 -13.72 4.75 2.50
C PHE H 59 -14.30 5.67 1.44
N VAL H 60 -15.37 5.22 0.79
CA VAL H 60 -16.01 6.02 -0.23
C VAL H 60 -17.50 6.10 0.05
N VAL H 61 -18.07 7.26 -0.21
CA VAL H 61 -19.51 7.45 0.02
C VAL H 61 -20.30 6.75 -1.08
N ARG H 62 -21.18 5.84 -0.69
CA ARG H 62 -22.01 5.09 -1.63
C ARG H 62 -23.37 5.75 -1.80
N LYS H 63 -23.93 6.27 -0.72
CA LYS H 63 -25.23 6.93 -0.78
C LYS H 63 -25.30 7.94 0.36
N MET H 64 -25.86 9.11 0.07
CA MET H 64 -25.96 10.14 1.09
C MET H 64 -27.23 10.95 0.94
N THR H 65 -27.96 11.10 2.03
CA THR H 65 -29.19 11.88 2.04
C THR H 65 -29.05 12.97 3.08
N VAL H 66 -29.29 14.21 2.67
CA VAL H 66 -29.21 15.33 3.60
C VAL H 66 -30.52 16.11 3.56
N GLU H 67 -31.02 16.46 4.75
CA GLU H 67 -32.25 17.26 4.84
C GLU H 67 -31.82 18.57 5.48
N TYR H 68 -32.21 19.68 4.87
CA TYR H 68 -31.84 21.02 5.34
C TYR H 68 -33.03 21.74 5.97
N TYR H 69 -32.86 22.17 7.22
CA TYR H 69 -33.93 22.84 7.97
C TYR H 69 -33.73 24.32 8.24
N ALA H 70 -32.54 24.70 8.70
CA ALA H 70 -32.23 26.08 9.02
C ALA H 70 -30.81 26.38 8.58
N PRO H 71 -30.51 27.66 8.28
CA PRO H 71 -29.16 28.02 7.84
C PRO H 71 -28.15 28.40 8.90
N ALA H 72 -26.88 28.40 8.48
CA ALA H 72 -25.76 28.79 9.31
C ALA H 72 -25.27 30.04 8.59
N ARG H 73 -24.67 30.96 9.32
CA ARG H 73 -24.16 32.19 8.70
C ARG H 73 -22.71 32.40 9.03
N LEU H 74 -22.11 33.39 8.39
CA LEU H 74 -20.70 33.74 8.60
C LEU H 74 -20.33 33.85 10.07
N ASP H 75 -19.24 33.18 10.45
CA ASP H 75 -18.71 33.20 11.81
C ASP H 75 -19.47 32.38 12.86
N ASP H 76 -20.50 31.65 12.46
CA ASP H 76 -21.22 30.82 13.43
C ASP H 76 -20.30 29.66 13.82
N MET H 77 -20.34 29.23 15.08
CA MET H 77 -19.57 28.05 15.47
C MET H 77 -20.59 26.93 15.49
N LEU H 78 -20.39 25.94 14.64
CA LEU H 78 -21.32 24.82 14.58
C LEU H 78 -20.76 23.59 15.25
N GLU H 79 -21.62 22.61 15.44
CA GLU H 79 -21.19 21.35 15.99
C GLU H 79 -21.74 20.25 15.09
N ILE H 80 -20.86 19.41 14.57
CA ILE H 80 -21.28 18.29 13.73
C ILE H 80 -21.34 17.10 14.69
N GLN H 81 -22.46 16.37 14.70
CA GLN H 81 -22.59 15.21 15.58
C GLN H 81 -22.56 13.98 14.71
N THR H 82 -21.77 12.98 15.11
CA THR H 82 -21.63 11.77 14.32
C THR H 82 -21.67 10.49 15.14
N GLU H 83 -22.27 9.46 14.56
CA GLU H 83 -22.34 8.15 15.20
C GLU H 83 -22.54 7.09 14.12
N ILE H 84 -21.99 5.91 14.34
CA ILE H 84 -22.14 4.81 13.40
C ILE H 84 -23.37 4.03 13.85
N THR H 85 -24.38 3.96 12.99
CA THR H 85 -25.61 3.26 13.34
C THR H 85 -25.78 1.88 12.69
N SER H 86 -24.86 1.53 11.80
CA SER H 86 -24.88 0.23 11.12
C SER H 86 -23.48 -0.12 10.66
N MET H 87 -23.09 -1.39 10.83
CA MET H 87 -21.78 -1.86 10.42
C MET H 87 -21.91 -3.28 9.87
N ARG H 88 -21.93 -3.39 8.54
CA ARG H 88 -22.08 -4.68 7.87
C ARG H 88 -20.73 -5.21 7.41
N GLY H 89 -20.76 -6.09 6.40
CA GLY H 89 -19.53 -6.68 5.88
C GLY H 89 -18.52 -5.69 5.33
N THR H 90 -18.92 -4.94 4.31
CA THR H 90 -18.02 -3.97 3.70
C THR H 90 -18.56 -2.55 3.82
N SER H 91 -19.62 -2.37 4.60
CA SER H 91 -20.23 -1.06 4.73
C SER H 91 -20.48 -0.56 6.14
N LEU H 92 -20.57 0.76 6.26
CA LEU H 92 -20.84 1.44 7.52
C LEU H 92 -21.89 2.52 7.24
N VAL H 93 -22.79 2.73 8.19
CA VAL H 93 -23.80 3.76 8.04
C VAL H 93 -23.57 4.80 9.13
N PHE H 94 -23.38 6.05 8.71
CA PHE H 94 -23.15 7.15 9.63
C PHE H 94 -24.40 7.99 9.73
N THR H 95 -24.82 8.28 10.96
CA THR H 95 -25.97 9.15 11.16
C THR H 95 -25.34 10.42 11.69
N GLN H 96 -25.55 11.53 11.00
CA GLN H 96 -24.95 12.79 11.39
C GLN H 96 -25.94 13.93 11.38
N ARG H 97 -25.59 15.00 12.09
CA ARG H 97 -26.43 16.18 12.12
C ARG H 97 -25.57 17.39 12.47
N ILE H 98 -26.04 18.57 12.06
CA ILE H 98 -25.32 19.79 12.32
C ILE H 98 -26.21 20.74 13.10
N VAL H 99 -25.69 21.26 14.20
CA VAL H 99 -26.42 22.20 15.06
C VAL H 99 -25.58 23.44 15.29
N ASN H 100 -26.20 24.52 15.77
CA ASN H 100 -25.43 25.72 16.07
C ASN H 100 -25.21 25.81 17.57
N ALA H 101 -24.67 26.95 18.03
CA ALA H 101 -24.35 27.15 19.44
C ALA H 101 -25.53 27.09 20.41
N GLU H 102 -26.74 27.14 19.89
CA GLU H 102 -27.94 27.07 20.72
C GLU H 102 -28.59 25.69 20.60
N ASN H 103 -27.96 24.82 19.81
CA ASN H 103 -28.42 23.45 19.54
C ASN H 103 -29.60 23.40 18.59
N THR H 104 -29.80 24.45 17.81
CA THR H 104 -30.85 24.49 16.82
C THR H 104 -30.40 23.51 15.72
N LEU H 105 -31.31 22.66 15.25
CA LEU H 105 -30.97 21.69 14.21
C LEU H 105 -30.96 22.38 12.84
N LEU H 106 -29.79 22.41 12.20
CA LEU H 106 -29.66 23.04 10.89
C LEU H 106 -29.93 22.06 9.76
N ASN H 107 -29.35 20.86 9.87
CA ASN H 107 -29.54 19.82 8.87
C ASN H 107 -29.10 18.47 9.41
N GLU H 108 -29.50 17.39 8.75
CA GLU H 108 -29.12 16.06 9.18
C GLU H 108 -28.81 15.18 7.98
N ALA H 109 -27.99 14.17 8.19
CA ALA H 109 -27.62 13.30 7.08
C ALA H 109 -27.47 11.84 7.48
N GLU H 110 -27.66 10.96 6.50
CA GLU H 110 -27.45 9.54 6.71
C GLU H 110 -26.49 9.22 5.58
N VAL H 111 -25.33 8.68 5.93
CA VAL H 111 -24.31 8.40 4.93
C VAL H 111 -23.86 6.94 4.92
N LEU H 112 -24.05 6.28 3.78
CA LEU H 112 -23.63 4.90 3.62
C LEU H 112 -22.24 4.95 3.01
N VAL H 113 -21.27 4.38 3.73
CA VAL H 113 -19.88 4.36 3.29
C VAL H 113 -19.40 2.93 3.07
N VAL H 114 -18.67 2.73 1.98
CA VAL H 114 -18.15 1.41 1.64
C VAL H 114 -16.63 1.39 1.77
N CYS H 115 -16.13 0.28 2.29
CA CYS H 115 -14.69 0.09 2.48
C CYS H 115 -14.12 -0.41 1.15
N VAL H 116 -13.01 0.18 0.71
CA VAL H 116 -12.39 -0.20 -0.55
C VAL H 116 -10.87 -0.22 -0.43
N ASP H 117 -10.20 -0.80 -1.43
CA ASP H 117 -8.74 -0.83 -1.42
C ASP H 117 -8.27 0.41 -2.19
N PRO H 118 -7.35 1.19 -1.61
CA PRO H 118 -6.82 2.40 -2.22
C PRO H 118 -6.41 2.27 -3.69
N LEU H 119 -5.80 1.14 -4.02
CA LEU H 119 -5.34 0.89 -5.38
C LEU H 119 -6.46 0.86 -6.43
N LYS H 120 -7.27 -0.18 -6.39
CA LYS H 120 -8.36 -0.36 -7.36
C LYS H 120 -9.68 0.28 -6.92
N MET H 121 -9.73 0.74 -5.69
CA MET H 121 -10.94 1.36 -5.16
C MET H 121 -12.11 0.39 -5.33
N LYS H 122 -11.85 -0.88 -5.05
CA LYS H 122 -12.86 -1.93 -5.14
C LYS H 122 -13.29 -2.34 -3.74
N PRO H 123 -14.59 -2.59 -3.53
CA PRO H 123 -15.12 -2.99 -2.23
C PRO H 123 -14.36 -4.12 -1.54
N ARG H 124 -14.18 -3.99 -0.23
CA ARG H 124 -13.50 -5.00 0.56
C ARG H 124 -14.12 -5.06 1.96
N ALA H 125 -13.95 -6.20 2.63
CA ALA H 125 -14.51 -6.37 3.97
C ALA H 125 -13.81 -5.43 4.95
N LEU H 126 -14.57 -4.97 5.94
CA LEU H 126 -14.03 -4.07 6.95
C LEU H 126 -12.85 -4.70 7.69
N PRO H 127 -11.81 -3.91 7.96
CA PRO H 127 -10.64 -4.43 8.67
C PRO H 127 -11.08 -4.95 10.03
N LYS H 128 -10.47 -6.04 10.49
CA LYS H 128 -10.85 -6.60 11.78
C LYS H 128 -10.66 -5.61 12.91
N SER H 129 -9.55 -4.87 12.88
CA SER H 129 -9.27 -3.88 13.92
C SER H 129 -10.40 -2.87 14.04
N ILE H 130 -10.97 -2.46 12.91
CA ILE H 130 -12.06 -1.50 12.91
C ILE H 130 -13.33 -2.11 13.50
N VAL H 131 -13.63 -3.34 13.12
CA VAL H 131 -14.81 -4.02 13.64
C VAL H 131 -14.63 -4.25 15.13
N ALA H 132 -13.39 -4.50 15.54
CA ALA H 132 -13.08 -4.73 16.95
C ALA H 132 -13.26 -3.44 17.76
N GLU H 133 -12.91 -2.32 17.14
CA GLU H 133 -13.02 -1.02 17.80
C GLU H 133 -14.49 -0.63 18.04
N PHE H 134 -15.37 -1.02 17.13
CA PHE H 134 -16.79 -0.68 17.25
C PHE H 134 -17.68 -1.86 17.62
S SO4 I . 37.91 -30.81 -15.72
O1 SO4 I . 39.21 -31.06 -15.09
O2 SO4 I . 37.37 -32.05 -16.31
O3 SO4 I . 38.06 -29.78 -16.78
O4 SO4 I . 36.96 -30.30 -14.71
C1 EDO J . 41.71 -24.92 22.01
O1 EDO J . 41.62 -23.81 21.09
C2 EDO J . 42.81 -25.82 21.57
O2 EDO J . 42.39 -27.10 21.02
S SO4 K . 18.28 2.04 15.48
O1 SO4 K . 19.45 2.14 16.38
O2 SO4 K . 18.36 0.77 14.73
O3 SO4 K . 18.30 3.17 14.53
O4 SO4 K . 17.05 2.07 16.26
S SO4 L . 20.85 5.14 -4.92
O1 SO4 L . 21.72 5.37 -3.74
O2 SO4 L . 21.21 3.87 -5.54
O3 SO4 L . 21.04 6.25 -5.88
O4 SO4 L . 19.44 5.10 -4.49
S SO4 M . -9.47 -29.35 23.53
O1 SO4 M . -8.39 -28.43 23.94
O2 SO4 M . -8.90 -30.44 22.73
O3 SO4 M . -10.46 -28.61 22.73
O4 SO4 M . -10.13 -29.91 24.74
S SO4 N . -11.42 -35.11 22.75
O1 SO4 N . -11.00 -36.34 23.45
O2 SO4 N . -11.52 -35.36 21.31
O3 SO4 N . -10.42 -34.05 23.01
O4 SO4 N . -12.74 -34.68 23.26
C1 EDO O . -9.32 -32.83 28.16
O1 EDO O . -9.80 -32.53 26.83
C2 EDO O . -8.15 -33.75 28.06
O2 EDO O . -7.77 -34.43 29.31
S SO4 P . 13.28 -55.77 1.98
O1 SO4 P . 14.69 -55.34 1.90
O2 SO4 P . 13.17 -57.17 1.57
O3 SO4 P . 12.46 -54.92 1.09
O4 SO4 P . 12.80 -55.62 3.37
S SO4 Q . -13.05 56.09 14.33
O1 SO4 Q . -12.91 55.77 12.90
O2 SO4 Q . -12.38 55.05 15.14
O3 SO4 Q . -14.49 56.13 14.69
O4 SO4 Q . -12.42 57.39 14.61
C1 EDO R . -2.67 12.55 14.99
O1 EDO R . -3.68 11.95 14.16
C2 EDO R . -2.51 14.00 14.64
O2 EDO R . -1.22 14.61 14.97
S SO4 S . 17.73 27.52 -16.98
O1 SO4 S . 17.89 28.45 -15.85
O2 SO4 S . 19.04 27.25 -17.60
O3 SO4 S . 16.84 28.13 -17.98
O4 SO4 S . 17.15 26.25 -16.49
S SO4 T . 12.29 14.60 -23.15
O1 SO4 T . 11.41 14.37 -21.99
O2 SO4 T . 13.54 13.84 -22.98
O3 SO4 T . 12.60 16.04 -23.25
O4 SO4 T . 11.62 14.15 -24.37
C1 EDO U . -27.38 35.35 -19.30
O1 EDO U . -28.42 34.38 -19.16
C2 EDO U . -26.43 34.94 -20.39
O2 EDO U . -25.37 35.89 -20.71
S SO4 V . -28.77 9.40 -24.59
O1 SO4 V . -28.03 9.94 -25.73
O2 SO4 V . -28.59 7.93 -24.53
O3 SO4 V . -30.20 9.71 -24.73
O4 SO4 V . -28.25 9.99 -23.33
S SO4 W . -26.94 17.53 24.04
O1 SO4 W . -26.52 17.82 22.65
O2 SO4 W . -26.96 16.08 24.26
O3 SO4 W . -28.29 18.08 24.27
O4 SO4 W . -25.98 18.15 24.99
S SO4 X . -7.58 -7.48 8.00
O1 SO4 X . -6.45 -7.03 8.81
O2 SO4 X . -7.34 -8.86 7.53
O3 SO4 X . -7.74 -6.60 6.83
O4 SO4 X . -8.81 -7.44 8.80
C1 EDO Y . -0.32 -7.64 -1.87
O1 EDO Y . -1.40 -7.67 -0.91
C2 EDO Y . 0.00 -6.21 -2.19
O2 EDO Y . 1.41 -5.83 -2.16
#